data_7CMQ
#
_entry.id   7CMQ
#
_cell.length_a   71.063
_cell.length_b   133.443
_cell.length_c   144.514
_cell.angle_alpha   90.000
_cell.angle_beta   90.000
_cell.angle_gamma   90.000
#
_symmetry.space_group_name_H-M   'I 2 2 2'
#
loop_
_entity.id
_entity.type
_entity.pdbx_description
1 polymer 'Uric acid degradation bifunctional protein'
2 non-polymer 8-AZAXANTHINE
3 non-polymer 'OXYGEN MOLECULE'
4 non-polymer 'SULFATE ION'
5 non-polymer 1,2-ETHANEDIOL
6 water water
#
_entity_poly.entity_id   1
_entity_poly.type   'polypeptide(L)'
_entity_poly.pdbx_seq_one_letter_code
;RVMYYGKGDVFAYRTYLKPLTGVRTIPESPFSGRDHILFGVNVKISVGGTKLLTSFTKGDNSLVVATDSMKNFIQKHLAS
YTGTTIEGFLEYVATSFLKKYSHIEKISLIGEEIPFETTFAVKNGNRAASELVFKKSRNEYATAYLNMVRNEDNTLNITE
QQSGLAGLQLIKVSGNSFVGFIRDEYTTLPEDSNRPLFVYLNIKWKYKNTEDSFGTNPENYVAAEQIRDIATSVFHETET
LSIQHLIYLIGRRILERFPQLQEVYFESQNHTWDKIVEEIPESEGKVYTEPRPPYGFQCFTVTQEDLPHENIL
;
_entity_poly.pdbx_strand_id   A,B
#
loop_
_chem_comp.id
_chem_comp.type
_chem_comp.name
_chem_comp.formula
AZA non-polymer 8-AZAXANTHINE 'C4 H3 N5 O2'
EDO non-polymer 1,2-ETHANEDIOL 'C2 H6 O2'
OXY non-polymer 'OXYGEN MOLECULE' O2
SO4 non-polymer 'SULFATE ION' 'O4 S -2'
#
# COMPACT_ATOMS: atom_id res chain seq x y z
N VAL A 2 0.22 18.13 -1.42
CA VAL A 2 -0.84 17.13 -1.40
C VAL A 2 -1.89 17.59 -0.41
N MET A 3 -3.16 17.55 -0.80
CA MET A 3 -4.21 17.92 0.13
C MET A 3 -5.49 17.18 -0.27
N TYR A 4 -5.80 16.11 0.42
CA TYR A 4 -7.07 15.44 0.18
C TYR A 4 -7.51 14.77 1.47
N TYR A 5 -8.75 14.32 1.47
CA TYR A 5 -9.29 13.61 2.63
C TYR A 5 -10.45 12.77 2.16
N GLY A 6 -10.86 11.81 2.99
CA GLY A 6 -11.87 10.89 2.52
C GLY A 6 -12.20 9.81 3.51
N LYS A 7 -12.76 8.73 2.99
CA LYS A 7 -13.27 7.63 3.81
C LYS A 7 -12.88 6.32 3.16
N GLY A 8 -12.33 5.41 3.97
CA GLY A 8 -11.95 4.09 3.52
C GLY A 8 -12.75 2.99 4.20
N ASP A 9 -12.67 1.78 3.65
CA ASP A 9 -13.41 0.60 4.15
C ASP A 9 -14.90 0.87 4.26
N VAL A 10 -15.44 1.55 3.25
CA VAL A 10 -16.89 1.71 3.15
C VAL A 10 -17.44 0.41 2.55
N PHE A 11 -17.82 -0.54 3.40
CA PHE A 11 -18.42 -1.76 2.92
C PHE A 11 -19.87 -1.51 2.57
N ALA A 12 -20.29 -2.08 1.44
CA ALA A 12 -21.69 -1.97 1.04
C ALA A 12 -22.08 -3.25 0.32
N TYR A 13 -23.13 -3.89 0.80
CA TYR A 13 -23.66 -5.12 0.22
C TYR A 13 -25.07 -4.85 -0.27
N ARG A 14 -25.29 -5.07 -1.56
CA ARG A 14 -26.63 -4.91 -2.12
C ARG A 14 -27.09 -6.24 -2.68
N THR A 15 -28.34 -6.58 -2.40
CA THR A 15 -28.98 -7.76 -2.98
C THR A 15 -29.75 -7.37 -4.22
N TYR A 16 -29.68 -8.24 -5.24
CA TYR A 16 -30.48 -8.13 -6.46
C TYR A 16 -30.21 -6.82 -7.19
N LEU A 17 -28.94 -6.54 -7.42
CA LEU A 17 -28.54 -5.59 -8.44
C LEU A 17 -28.94 -6.12 -9.81
N LYS A 18 -29.17 -5.20 -10.74
CA LYS A 18 -29.49 -5.63 -12.11
C LYS A 18 -28.42 -6.62 -12.58
N PRO A 19 -28.81 -7.78 -13.13
CA PRO A 19 -27.80 -8.76 -13.56
C PRO A 19 -26.95 -8.25 -14.71
N LEU A 20 -25.69 -8.66 -14.73
CA LEU A 20 -24.78 -8.42 -15.85
C LEU A 20 -24.96 -9.54 -16.87
N THR A 21 -25.56 -9.24 -18.01
CA THR A 21 -25.80 -10.24 -19.03
C THR A 21 -25.30 -9.76 -20.38
N GLY A 22 -25.19 -10.70 -21.32
CA GLY A 22 -24.82 -10.37 -22.67
C GLY A 22 -23.33 -10.13 -22.87
N VAL A 23 -22.50 -10.65 -22.02
CA VAL A 23 -21.06 -10.46 -22.11
C VAL A 23 -20.50 -11.35 -23.20
N ARG A 24 -19.47 -10.88 -23.88
CA ARG A 24 -18.79 -11.69 -24.88
C ARG A 24 -17.97 -12.76 -24.18
N THR A 25 -18.24 -14.04 -24.47
CA THR A 25 -17.46 -15.10 -23.85
C THR A 25 -16.21 -15.36 -24.66
N ILE A 26 -15.20 -15.92 -24.01
CA ILE A 26 -13.93 -16.24 -24.69
C ILE A 26 -13.59 -17.70 -24.44
N PRO A 27 -12.68 -18.24 -25.26
CA PRO A 27 -12.36 -19.67 -25.14
C PRO A 27 -11.85 -20.08 -23.77
N GLU A 28 -11.06 -19.21 -23.12
CA GLU A 28 -10.44 -19.58 -21.86
C GLU A 28 -11.42 -19.63 -20.70
N SER A 29 -12.60 -19.03 -20.81
CA SER A 29 -13.41 -18.83 -19.61
C SER A 29 -14.88 -19.18 -19.84
N PRO A 30 -15.53 -19.82 -18.86
CA PRO A 30 -16.97 -20.05 -18.98
C PRO A 30 -17.81 -18.82 -18.68
N PHE A 31 -17.18 -17.71 -18.32
CA PHE A 31 -17.91 -16.55 -17.83
C PHE A 31 -18.86 -16.00 -18.87
N SER A 32 -20.09 -15.70 -18.44
CA SER A 32 -21.07 -15.13 -19.36
C SER A 32 -21.94 -14.08 -18.70
N GLY A 33 -21.59 -13.63 -17.49
CA GLY A 33 -22.38 -12.64 -16.79
C GLY A 33 -22.36 -12.87 -15.30
N ARG A 34 -23.10 -12.05 -14.57
CA ARG A 34 -23.17 -12.12 -13.11
C ARG A 34 -24.63 -12.02 -12.69
N ASP A 35 -25.08 -12.97 -11.86
CA ASP A 35 -26.47 -12.99 -11.42
C ASP A 35 -26.78 -11.79 -10.51
N HIS A 36 -25.79 -11.36 -9.72
CA HIS A 36 -25.93 -10.23 -8.82
C HIS A 36 -27.01 -10.41 -7.77
N ILE A 37 -27.30 -11.66 -7.40
CA ILE A 37 -28.13 -11.89 -6.24
C ILE A 37 -27.52 -11.20 -5.02
N LEU A 38 -26.19 -11.22 -4.94
CA LEU A 38 -25.45 -10.57 -3.88
C LEU A 38 -24.30 -9.82 -4.53
N PHE A 39 -24.23 -8.51 -4.28
CA PHE A 39 -23.22 -7.64 -4.85
C PHE A 39 -22.54 -6.91 -3.71
N GLY A 40 -21.29 -7.24 -3.44
CA GLY A 40 -20.54 -6.63 -2.35
C GLY A 40 -19.36 -5.84 -2.88
N VAL A 41 -19.19 -4.63 -2.35
CA VAL A 41 -18.07 -3.78 -2.73
C VAL A 41 -17.54 -3.05 -1.50
N ASN A 42 -16.22 -2.91 -1.44
CA ASN A 42 -15.54 -2.10 -0.43
C ASN A 42 -14.97 -0.87 -1.12
N VAL A 43 -15.45 0.31 -0.75
CA VAL A 43 -15.17 1.56 -1.45
C VAL A 43 -14.27 2.45 -0.59
N LYS A 44 -13.34 3.12 -1.27
CA LYS A 44 -12.51 4.17 -0.70
C LYS A 44 -12.72 5.43 -1.54
N ILE A 45 -13.02 6.54 -0.89
CA ILE A 45 -13.25 7.81 -1.56
C ILE A 45 -12.23 8.82 -1.06
N SER A 46 -11.67 9.61 -2.00
CA SER A 46 -10.75 10.70 -1.66
C SER A 46 -11.17 11.92 -2.44
N VAL A 47 -11.22 13.09 -1.80
CA VAL A 47 -11.60 14.29 -2.52
C VAL A 47 -10.62 15.41 -2.26
N GLY A 48 -10.54 16.34 -3.21
CA GLY A 48 -9.65 17.47 -3.10
C GLY A 48 -10.28 18.72 -3.67
N GLY A 49 -9.68 19.84 -3.31
CA GLY A 49 -10.06 21.14 -3.86
C GLY A 49 -9.33 22.24 -3.13
N THR A 50 -8.91 23.29 -3.84
CA THR A 50 -8.22 24.37 -3.15
C THR A 50 -9.08 24.98 -2.06
N LYS A 51 -10.40 24.94 -2.21
CA LYS A 51 -11.25 25.56 -1.19
C LYS A 51 -11.22 24.82 0.14
N LEU A 52 -10.65 23.62 0.20
CA LEU A 52 -10.48 22.88 1.44
C LEU A 52 -9.33 23.39 2.30
N LEU A 53 -8.55 24.36 1.82
CA LEU A 53 -7.30 24.68 2.51
C LEU A 53 -7.51 25.08 3.96
N THR A 54 -8.50 25.97 4.21
CA THR A 54 -8.65 26.50 5.56
C THR A 54 -9.18 25.45 6.54
N SER A 55 -9.74 24.34 6.06
CA SER A 55 -10.09 23.30 7.01
C SER A 55 -8.84 22.74 7.66
N PHE A 56 -7.72 22.81 6.97
CA PHE A 56 -6.42 22.41 7.54
C PHE A 56 -5.75 23.56 8.28
N THR A 57 -5.66 24.72 7.61
CA THR A 57 -4.84 25.81 8.13
C THR A 57 -5.51 26.58 9.26
N LYS A 58 -6.84 26.56 9.35
CA LYS A 58 -7.53 27.37 10.34
C LYS A 58 -8.51 26.58 11.21
N GLY A 59 -8.70 25.29 10.97
CA GLY A 59 -9.73 24.61 11.74
C GLY A 59 -11.13 25.00 11.38
N ASP A 60 -11.35 25.45 10.14
CA ASP A 60 -12.66 25.89 9.66
C ASP A 60 -13.38 24.71 9.00
N ASN A 61 -14.47 24.25 9.61
CA ASN A 61 -15.16 23.10 9.07
C ASN A 61 -16.31 23.48 8.14
N SER A 62 -16.47 24.78 7.86
CA SER A 62 -17.58 25.26 7.04
C SER A 62 -17.75 24.50 5.73
N LEU A 63 -16.64 24.17 5.06
CA LEU A 63 -16.72 23.50 3.76
C LEU A 63 -16.33 22.03 3.83
N VAL A 64 -16.38 21.43 5.02
CA VAL A 64 -16.02 20.03 5.19
C VAL A 64 -17.30 19.18 5.08
N VAL A 65 -17.39 18.40 4.01
CA VAL A 65 -18.29 17.26 3.99
C VAL A 65 -17.70 16.22 4.95
N ALA A 66 -18.45 15.85 5.99
CA ALA A 66 -17.88 14.91 6.94
C ALA A 66 -17.56 13.58 6.24
N THR A 67 -16.43 12.95 6.62
CA THR A 67 -16.12 11.65 6.03
C THR A 67 -17.22 10.65 6.33
N ASP A 68 -17.82 10.75 7.52
CA ASP A 68 -19.01 9.94 7.82
C ASP A 68 -20.13 10.16 6.81
N SER A 69 -20.31 11.40 6.34
CA SER A 69 -21.34 11.67 5.35
C SER A 69 -20.97 11.09 3.99
N MET A 70 -19.68 11.07 3.65
CA MET A 70 -19.26 10.37 2.43
C MET A 70 -19.64 8.90 2.47
N LYS A 71 -19.51 8.27 3.64
CA LYS A 71 -19.95 6.89 3.81
C LYS A 71 -21.44 6.75 3.49
N ASN A 72 -22.27 7.63 4.06
CA ASN A 72 -23.70 7.60 3.77
C ASN A 72 -23.97 7.80 2.29
N PHE A 73 -23.24 8.74 1.68
CA PHE A 73 -23.38 9.03 0.26
C PHE A 73 -23.17 7.77 -0.57
N ILE A 74 -22.10 7.04 -0.30
CA ILE A 74 -21.79 5.86 -1.08
C ILE A 74 -22.83 4.78 -0.89
N GLN A 75 -23.23 4.53 0.37
CA GLN A 75 -24.19 3.45 0.62
C GLN A 75 -25.56 3.77 0.01
N LYS A 76 -26.02 5.01 0.15
CA LYS A 76 -27.29 5.36 -0.47
C LYS A 76 -27.21 5.29 -2.00
N HIS A 77 -26.07 5.67 -2.59
CA HIS A 77 -25.98 5.56 -4.06
C HIS A 77 -25.89 4.10 -4.51
N LEU A 78 -25.43 3.19 -3.65
CA LEU A 78 -25.51 1.80 -4.07
C LEU A 78 -26.97 1.34 -4.15
N ALA A 79 -27.84 1.91 -3.32
CA ALA A 79 -29.24 1.54 -3.36
C ALA A 79 -29.95 2.06 -4.60
N SER A 80 -29.54 3.22 -5.14
CA SER A 80 -30.19 3.82 -6.30
C SER A 80 -29.48 3.52 -7.63
N TYR A 81 -28.36 2.79 -7.59
CA TYR A 81 -27.59 2.48 -8.80
C TYR A 81 -28.37 1.52 -9.70
N THR A 82 -28.59 1.89 -10.96
CA THR A 82 -29.35 1.06 -11.88
C THR A 82 -28.46 0.30 -12.86
N GLY A 83 -27.15 0.38 -12.69
CA GLY A 83 -26.22 -0.28 -13.58
C GLY A 83 -25.81 -1.65 -13.11
N THR A 84 -24.70 -2.15 -13.68
CA THR A 84 -24.33 -3.54 -13.54
C THR A 84 -22.85 -3.82 -13.28
N THR A 85 -22.03 -2.80 -13.00
CA THR A 85 -20.63 -3.07 -12.70
C THR A 85 -20.14 -2.16 -11.59
N ILE A 86 -19.06 -2.60 -10.94
CA ILE A 86 -18.36 -1.74 -9.99
C ILE A 86 -17.82 -0.51 -10.70
N GLU A 87 -17.28 -0.68 -11.90
CA GLU A 87 -16.76 0.44 -12.67
C GLU A 87 -17.85 1.49 -12.91
N GLY A 88 -19.04 1.04 -13.33
CA GLY A 88 -20.12 1.98 -13.53
C GLY A 88 -20.63 2.58 -12.23
N PHE A 89 -20.62 1.78 -11.16
CA PHE A 89 -21.00 2.34 -9.87
C PHE A 89 -20.04 3.45 -9.45
N LEU A 90 -18.74 3.29 -9.71
CA LEU A 90 -17.82 4.36 -9.35
C LEU A 90 -18.11 5.63 -10.15
N GLU A 91 -18.42 5.48 -11.43
CA GLU A 91 -18.72 6.66 -12.23
C GLU A 91 -19.95 7.38 -11.68
N TYR A 92 -20.97 6.61 -11.27
CA TYR A 92 -22.20 7.21 -10.73
C TYR A 92 -21.93 7.98 -9.47
N VAL A 93 -21.16 7.38 -8.55
CA VAL A 93 -20.80 8.06 -7.31
C VAL A 93 -20.00 9.32 -7.61
N ALA A 94 -19.00 9.21 -8.49
CA ALA A 94 -18.13 10.34 -8.75
C ALA A 94 -18.91 11.50 -9.36
N THR A 95 -19.70 11.23 -10.41
CA THR A 95 -20.46 12.30 -11.03
C THR A 95 -21.44 12.90 -10.05
N SER A 96 -22.14 12.05 -9.29
CA SER A 96 -23.12 12.55 -8.32
C SER A 96 -22.46 13.45 -7.28
N PHE A 97 -21.30 13.02 -6.78
CA PHE A 97 -20.62 13.77 -5.73
C PHE A 97 -20.15 15.14 -6.25
N LEU A 98 -19.54 15.19 -7.44
CA LEU A 98 -19.10 16.47 -7.96
C LEU A 98 -20.28 17.37 -8.30
N LYS A 99 -21.39 16.79 -8.79
CA LYS A 99 -22.59 17.58 -9.04
C LYS A 99 -23.19 18.13 -7.75
N LYS A 100 -23.05 17.39 -6.64
CA LYS A 100 -23.61 17.84 -5.37
C LYS A 100 -22.76 18.93 -4.71
N TYR A 101 -21.44 18.79 -4.76
CA TYR A 101 -20.54 19.61 -3.94
C TYR A 101 -19.63 20.42 -4.86
N SER A 102 -20.05 21.66 -5.14
CA SER A 102 -19.41 22.46 -6.17
C SER A 102 -18.00 22.88 -5.78
N HIS A 103 -17.69 22.89 -4.49
CA HIS A 103 -16.36 23.27 -4.04
C HIS A 103 -15.34 22.16 -4.15
N ILE A 104 -15.75 20.95 -4.51
CA ILE A 104 -14.80 19.85 -4.69
C ILE A 104 -14.35 19.85 -6.15
N GLU A 105 -13.03 19.81 -6.36
CA GLU A 105 -12.47 19.84 -7.71
C GLU A 105 -12.06 18.48 -8.25
N LYS A 106 -11.80 17.51 -7.38
CA LYS A 106 -11.27 16.22 -7.80
C LYS A 106 -11.82 15.14 -6.87
N ILE A 107 -12.14 13.99 -7.44
CA ILE A 107 -12.51 12.84 -6.64
C ILE A 107 -11.88 11.59 -7.23
N SER A 108 -11.40 10.75 -6.34
CA SER A 108 -10.74 9.49 -6.64
C SER A 108 -11.49 8.40 -5.87
N LEU A 109 -11.82 7.32 -6.56
CA LEU A 109 -12.51 6.18 -5.98
C LEU A 109 -11.79 4.88 -6.29
N ILE A 110 -11.80 4.00 -5.29
CA ILE A 110 -11.40 2.60 -5.41
C ILE A 110 -12.60 1.78 -4.99
N GLY A 111 -12.96 0.79 -5.81
CA GLY A 111 -13.94 -0.18 -5.38
C GLY A 111 -13.35 -1.57 -5.48
N GLU A 112 -13.45 -2.36 -4.40
CA GLU A 112 -12.94 -3.73 -4.39
C GLU A 112 -14.09 -4.70 -4.18
N GLU A 113 -14.22 -5.65 -5.10
CA GLU A 113 -15.24 -6.68 -4.95
C GLU A 113 -15.03 -7.44 -3.64
N ILE A 114 -16.14 -7.77 -2.99
CA ILE A 114 -16.17 -8.72 -1.88
C ILE A 114 -16.81 -9.95 -2.52
N PRO A 115 -16.05 -10.97 -2.89
CA PRO A 115 -16.62 -12.04 -3.73
C PRO A 115 -17.33 -13.12 -2.93
N PHE A 116 -18.40 -13.65 -3.53
CA PHE A 116 -19.19 -14.73 -2.98
C PHE A 116 -19.38 -15.81 -4.03
N GLU A 117 -19.15 -17.06 -3.63
CA GLU A 117 -19.24 -18.21 -4.53
C GLU A 117 -20.52 -19.00 -4.30
N THR A 118 -20.99 -19.65 -5.36
CA THR A 118 -22.17 -20.47 -5.25
C THR A 118 -21.86 -21.72 -4.43
N THR A 119 -22.93 -22.33 -3.92
CA THR A 119 -22.88 -23.54 -3.11
C THR A 119 -23.97 -24.50 -3.56
N PHE A 120 -23.84 -25.77 -3.15
CA PHE A 120 -24.78 -26.81 -3.55
C PHE A 120 -25.93 -26.93 -2.56
N ALA A 121 -27.13 -27.13 -3.08
CA ALA A 121 -28.25 -27.59 -2.27
C ALA A 121 -29.01 -28.66 -3.03
N VAL A 122 -29.66 -29.55 -2.29
CA VAL A 122 -30.50 -30.60 -2.85
C VAL A 122 -31.95 -30.15 -2.74
N LYS A 123 -32.68 -30.18 -3.85
CA LYS A 123 -34.09 -29.78 -3.83
C LYS A 123 -35.00 -30.60 -4.73
N GLY A 125 -34.34 -34.14 -3.77
CA GLY A 125 -34.29 -34.14 -5.22
C GLY A 125 -32.88 -34.23 -5.79
N ASN A 126 -32.57 -33.32 -6.70
CA ASN A 126 -31.27 -33.29 -7.34
C ASN A 126 -30.45 -32.14 -6.80
N ARG A 127 -29.13 -32.26 -6.93
CA ARG A 127 -28.20 -31.27 -6.41
C ARG A 127 -28.03 -30.14 -7.43
N ALA A 128 -28.09 -28.91 -6.96
CA ALA A 128 -27.97 -27.76 -7.85
C ALA A 128 -27.43 -26.58 -7.05
N ALA A 129 -26.99 -25.54 -7.77
CA ALA A 129 -26.52 -24.34 -7.13
C ALA A 129 -27.67 -23.62 -6.44
N SER A 130 -27.44 -23.15 -5.24
CA SER A 130 -28.45 -22.43 -4.49
C SER A 130 -28.59 -21.01 -5.01
N GLU A 131 -29.81 -20.51 -4.98
CA GLU A 131 -30.06 -19.10 -5.26
C GLU A 131 -30.06 -18.26 -3.98
N LEU A 132 -29.84 -18.87 -2.82
CA LEU A 132 -29.95 -18.20 -1.52
C LEU A 132 -28.67 -18.24 -0.70
N VAL A 133 -27.94 -19.37 -0.70
CA VAL A 133 -26.78 -19.57 0.15
C VAL A 133 -25.52 -19.38 -0.68
N PHE A 134 -24.63 -18.52 -0.22
CA PHE A 134 -23.36 -18.22 -0.88
C PHE A 134 -22.22 -18.33 0.12
N LYS A 135 -21.03 -18.57 -0.42
CA LYS A 135 -19.82 -18.75 0.38
C LYS A 135 -18.91 -17.55 0.19
N LYS A 136 -18.54 -16.91 1.30
CA LYS A 136 -17.65 -15.77 1.24
C LYS A 136 -16.25 -16.25 0.89
N SER A 137 -15.64 -15.63 -0.11
CA SER A 137 -14.31 -16.02 -0.57
C SER A 137 -13.28 -14.99 -0.16
N ARG A 138 -12.18 -15.47 0.43
CA ARG A 138 -11.03 -14.64 0.71
C ARG A 138 -9.91 -14.85 -0.32
N ASN A 139 -10.25 -15.35 -1.51
CA ASN A 139 -9.29 -15.50 -2.60
C ASN A 139 -9.31 -14.26 -3.50
N GLU A 140 -9.12 -14.44 -4.79
CA GLU A 140 -8.94 -13.29 -5.67
C GLU A 140 -10.24 -12.49 -5.80
N TYR A 141 -10.09 -11.22 -6.19
CA TYR A 141 -11.23 -10.32 -6.29
C TYR A 141 -11.01 -9.23 -7.31
N ALA A 142 -12.13 -8.76 -7.88
CA ALA A 142 -12.10 -7.68 -8.86
C ALA A 142 -11.92 -6.32 -8.18
N THR A 143 -11.34 -5.39 -8.94
CA THR A 143 -11.07 -4.05 -8.43
C THR A 143 -11.40 -3.05 -9.53
N ALA A 144 -11.64 -1.82 -9.11
CA ALA A 144 -11.84 -0.72 -10.06
C ALA A 144 -11.32 0.56 -9.44
N TYR A 145 -10.84 1.45 -10.30
CA TYR A 145 -10.28 2.74 -9.90
C TYR A 145 -10.78 3.80 -10.87
N LEU A 146 -11.11 4.98 -10.34
CA LEU A 146 -11.57 6.10 -11.15
C LEU A 146 -11.13 7.42 -10.51
N ASN A 147 -10.64 8.33 -11.35
CA ASN A 147 -10.37 9.70 -10.95
C ASN A 147 -11.19 10.63 -11.83
N MET A 148 -11.91 11.58 -11.23
CA MET A 148 -12.71 12.52 -12.01
C MET A 148 -12.46 13.93 -11.51
N VAL A 149 -12.43 14.90 -12.45
CA VAL A 149 -12.15 16.29 -12.09
C VAL A 149 -13.19 17.22 -12.68
N ARG A 150 -13.37 18.35 -12.00
CA ARG A 150 -14.13 19.49 -12.51
C ARG A 150 -13.19 20.47 -13.20
N ASN A 151 -13.46 20.76 -14.46
CA ASN A 151 -12.65 21.67 -15.28
C ASN A 151 -13.02 23.13 -15.01
N GLU A 152 -12.16 24.03 -15.53
CA GLU A 152 -12.40 25.46 -15.41
C GLU A 152 -13.74 25.86 -16.00
N ASP A 153 -14.22 25.15 -17.02
CA ASP A 153 -15.49 25.49 -17.64
C ASP A 153 -16.66 24.74 -17.01
N ASN A 154 -16.48 24.21 -15.79
CA ASN A 154 -17.48 23.51 -14.98
C ASN A 154 -17.89 22.16 -15.58
N THR A 155 -17.23 21.72 -16.65
CA THR A 155 -17.45 20.36 -17.11
C THR A 155 -16.68 19.36 -16.25
N LEU A 156 -17.14 18.12 -16.27
CA LEU A 156 -16.55 17.04 -15.50
C LEU A 156 -15.88 16.04 -16.43
N ASN A 157 -14.71 15.55 -16.03
CA ASN A 157 -13.92 14.68 -16.88
C ASN A 157 -13.24 13.59 -16.06
N ILE A 158 -13.33 12.37 -16.59
CA ILE A 158 -12.58 11.25 -16.07
C ILE A 158 -11.15 11.37 -16.56
N THR A 159 -10.19 11.49 -15.63
CA THR A 159 -8.80 11.59 -16.02
C THR A 159 -8.05 10.27 -15.93
N GLU A 160 -8.59 9.29 -15.21
CA GLU A 160 -7.90 8.03 -14.97
C GLU A 160 -8.96 6.97 -14.68
N GLN A 161 -8.78 5.79 -15.26
CA GLN A 161 -9.68 4.66 -14.99
C GLN A 161 -8.89 3.38 -15.16
N GLN A 162 -9.06 2.44 -14.24
CA GLN A 162 -8.30 1.20 -14.28
C GLN A 162 -9.11 0.14 -13.55
N SER A 163 -9.24 -1.03 -14.16
CA SER A 163 -9.89 -2.19 -13.58
C SER A 163 -8.82 -3.22 -13.23
N GLY A 164 -9.19 -4.19 -12.40
CA GLY A 164 -8.18 -5.14 -12.00
C GLY A 164 -8.71 -6.41 -11.38
N LEU A 165 -7.76 -7.32 -11.18
CA LEU A 165 -7.95 -8.59 -10.49
C LEU A 165 -6.84 -8.68 -9.47
N ALA A 166 -7.19 -8.84 -8.19
CA ALA A 166 -6.19 -8.82 -7.14
C ALA A 166 -6.20 -10.16 -6.39
N GLY A 167 -5.02 -10.56 -5.91
CA GLY A 167 -4.94 -11.68 -5.00
C GLY A 167 -5.05 -13.06 -5.62
N LEU A 168 -4.65 -13.20 -6.88
CA LEU A 168 -4.67 -14.49 -7.55
C LEU A 168 -3.38 -15.21 -7.19
N GLN A 169 -3.50 -16.39 -6.59
CA GLN A 169 -2.35 -17.16 -6.14
C GLN A 169 -2.33 -18.49 -6.89
N LEU A 170 -1.34 -18.66 -7.76
CA LEU A 170 -1.31 -19.81 -8.67
C LEU A 170 -0.01 -20.56 -8.53
N ILE A 171 -0.08 -21.90 -8.48
CA ILE A 171 1.11 -22.74 -8.44
C ILE A 171 1.02 -23.75 -9.56
N LYS A 172 2.12 -23.90 -10.30
CA LYS A 172 2.22 -24.87 -11.39
C LYS A 172 3.27 -25.88 -10.99
N VAL A 173 2.86 -27.15 -10.84
CA VAL A 173 3.73 -28.10 -10.14
C VAL A 173 4.96 -28.47 -10.96
N SER A 174 4.91 -28.33 -12.28
CA SER A 174 6.04 -28.69 -13.14
C SER A 174 5.94 -27.86 -14.42
N GLY A 175 6.98 -27.93 -15.23
CA GLY A 175 6.97 -27.17 -16.48
C GLY A 175 7.36 -25.72 -16.29
N ASN A 176 8.33 -25.46 -15.41
CA ASN A 176 8.87 -24.14 -15.13
C ASN A 176 10.36 -24.25 -14.91
N SER A 177 11.13 -23.32 -15.47
CA SER A 177 12.56 -23.29 -15.23
C SER A 177 12.99 -21.89 -14.83
N PHE A 178 14.11 -21.83 -14.11
CA PHE A 178 14.79 -20.56 -13.85
C PHE A 178 16.28 -20.88 -13.90
N VAL A 179 16.88 -20.62 -15.06
CA VAL A 179 18.29 -20.91 -15.35
C VAL A 179 18.85 -19.71 -16.11
N GLY A 180 20.19 -19.61 -16.13
CA GLY A 180 20.88 -18.66 -16.98
C GLY A 180 21.06 -17.29 -16.38
N PHE A 181 20.66 -17.07 -15.13
CA PHE A 181 20.82 -15.79 -14.47
C PHE A 181 22.27 -15.60 -14.00
N ILE A 182 22.55 -14.37 -13.55
CA ILE A 182 23.89 -13.95 -13.23
C ILE A 182 24.40 -14.72 -12.01
N ARG A 183 25.61 -15.29 -12.13
CA ARG A 183 26.26 -15.96 -11.01
C ARG A 183 27.55 -15.21 -10.68
N ASP A 184 27.57 -14.61 -9.49
CA ASP A 184 28.76 -13.91 -9.05
C ASP A 184 28.87 -14.11 -7.55
N GLU A 185 29.61 -13.22 -6.88
CA GLU A 185 29.91 -13.40 -5.47
C GLU A 185 28.65 -13.45 -4.61
N TYR A 186 27.53 -12.85 -5.07
CA TYR A 186 26.31 -12.81 -4.31
C TYR A 186 25.30 -13.87 -4.68
N THR A 187 25.62 -14.77 -5.61
CA THR A 187 24.64 -15.74 -6.08
C THR A 187 24.83 -17.06 -5.35
N THR A 188 23.80 -17.48 -4.62
CA THR A 188 23.74 -18.80 -4.04
C THR A 188 22.61 -19.65 -4.60
N LEU A 189 21.67 -19.04 -5.30
CA LEU A 189 20.48 -19.77 -5.78
C LEU A 189 20.88 -20.78 -6.85
N PRO A 190 20.50 -22.05 -6.70
CA PRO A 190 20.78 -23.02 -7.77
C PRO A 190 19.87 -22.80 -8.97
N GLU A 191 20.41 -23.08 -10.15
CA GLU A 191 19.56 -23.17 -11.31
C GLU A 191 18.59 -24.33 -11.13
N ASP A 192 17.40 -24.18 -11.70
CA ASP A 192 16.34 -25.18 -11.54
C ASP A 192 15.61 -25.32 -12.88
N SER A 193 15.72 -26.50 -13.48
CA SER A 193 15.06 -26.77 -14.75
C SER A 193 13.63 -27.23 -14.60
N ASN A 194 13.18 -27.49 -13.37
CA ASN A 194 11.81 -27.93 -13.17
C ASN A 194 11.36 -27.59 -11.76
N ARG A 195 10.88 -26.36 -11.56
CA ARG A 195 10.44 -25.91 -10.26
C ARG A 195 8.91 -25.76 -10.23
N PRO A 196 8.30 -25.88 -9.04
CA PRO A 196 6.85 -25.63 -8.90
C PRO A 196 6.56 -24.16 -8.66
N LEU A 197 6.68 -23.38 -9.72
CA LEU A 197 6.59 -21.92 -9.60
C LEU A 197 5.25 -21.54 -8.98
N PHE A 198 5.32 -20.77 -7.90
CA PHE A 198 4.15 -20.28 -7.16
C PHE A 198 4.17 -18.76 -7.26
N VAL A 199 3.18 -18.19 -7.93
CA VAL A 199 3.14 -16.75 -8.14
C VAL A 199 1.87 -16.18 -7.52
N TYR A 200 1.99 -14.99 -6.95
CA TYR A 200 0.84 -14.14 -6.65
C TYR A 200 0.72 -13.13 -7.77
N LEU A 201 -0.50 -12.89 -8.23
CA LEU A 201 -0.71 -11.97 -9.35
C LEU A 201 -1.76 -10.94 -9.01
N ASN A 202 -1.43 -9.68 -9.30
CA ASN A 202 -2.37 -8.57 -9.36
C ASN A 202 -2.31 -8.10 -10.80
N ILE A 203 -3.44 -8.13 -11.52
CA ILE A 203 -3.47 -7.79 -12.95
C ILE A 203 -4.42 -6.63 -13.12
N LYS A 204 -3.96 -5.55 -13.76
CA LYS A 204 -4.79 -4.39 -13.98
C LYS A 204 -4.79 -3.99 -15.45
N TRP A 205 -5.94 -3.49 -15.90
CA TRP A 205 -6.11 -3.18 -17.32
C TRP A 205 -6.78 -1.83 -17.49
N LYS A 206 -6.47 -1.20 -18.63
CA LYS A 206 -7.10 0.04 -19.03
C LYS A 206 -7.71 -0.13 -20.41
N TYR A 207 -8.83 0.55 -20.59
CA TYR A 207 -9.62 0.52 -21.80
C TYR A 207 -9.19 1.66 -22.74
N LYS A 208 -9.28 1.40 -24.04
CA LYS A 208 -9.10 2.49 -25.00
C LYS A 208 -10.18 3.55 -24.81
N ASN A 209 -11.42 3.12 -24.58
CA ASN A 209 -12.57 4.01 -24.38
C ASN A 209 -13.13 3.73 -22.99
N THR A 210 -13.04 4.73 -22.12
CA THR A 210 -13.47 4.57 -20.73
C THR A 210 -14.91 4.09 -20.63
N GLU A 211 -15.76 4.40 -21.61
CA GLU A 211 -17.16 3.99 -21.47
C GLU A 211 -17.33 2.47 -21.59
N ASP A 212 -16.39 1.77 -22.21
CA ASP A 212 -16.48 0.32 -22.27
C ASP A 212 -16.36 -0.31 -20.89
N SER A 213 -15.81 0.41 -19.92
CA SER A 213 -15.67 -0.12 -18.57
C SER A 213 -17.00 -0.18 -17.82
N PHE A 214 -18.00 0.59 -18.25
CA PHE A 214 -19.19 0.75 -17.42
C PHE A 214 -20.16 -0.42 -17.52
N GLY A 215 -20.07 -1.22 -18.57
CA GLY A 215 -20.99 -2.31 -18.79
C GLY A 215 -22.21 -1.95 -19.62
N THR A 216 -22.39 -0.67 -19.94
CA THR A 216 -23.61 -0.23 -20.61
C THR A 216 -23.79 -0.90 -21.97
N ASN A 217 -22.70 -1.23 -22.66
CA ASN A 217 -22.71 -2.17 -23.78
C ASN A 217 -21.88 -3.37 -23.37
N PRO A 218 -22.50 -4.46 -22.87
CA PRO A 218 -21.71 -5.51 -22.19
C PRO A 218 -20.77 -6.27 -23.11
N GLU A 219 -20.99 -6.22 -24.42
CA GLU A 219 -20.08 -6.87 -25.36
C GLU A 219 -18.66 -6.33 -25.24
N ASN A 220 -18.48 -5.10 -24.75
CA ASN A 220 -17.16 -4.50 -24.67
C ASN A 220 -16.58 -4.53 -23.27
N TYR A 221 -17.27 -5.17 -22.32
CA TYR A 221 -16.80 -5.22 -20.95
C TYR A 221 -15.83 -6.38 -20.76
N VAL A 222 -14.77 -6.12 -20.00
CA VAL A 222 -13.73 -7.10 -19.73
C VAL A 222 -13.89 -7.52 -18.27
N ALA A 223 -14.27 -8.78 -18.05
CA ALA A 223 -14.55 -9.26 -16.71
C ALA A 223 -13.28 -9.79 -16.06
N ALA A 224 -13.10 -9.46 -14.78
CA ALA A 224 -11.98 -10.01 -14.03
C ALA A 224 -11.98 -11.54 -14.03
N GLU A 225 -13.17 -12.16 -14.13
CA GLU A 225 -13.22 -13.62 -14.19
C GLU A 225 -12.53 -14.16 -15.45
N GLN A 226 -12.69 -13.45 -16.55
CA GLN A 226 -12.06 -13.87 -17.81
C GLN A 226 -10.55 -13.70 -17.76
N ILE A 227 -10.09 -12.63 -17.10
CA ILE A 227 -8.67 -12.38 -16.94
C ILE A 227 -8.03 -13.49 -16.12
N ARG A 228 -8.67 -13.87 -15.01
CA ARG A 228 -8.18 -15.00 -14.22
C ARG A 228 -7.99 -16.25 -15.08
N ASP A 229 -8.99 -16.58 -15.89
CA ASP A 229 -8.91 -17.83 -16.63
C ASP A 229 -7.90 -17.75 -17.77
N ILE A 230 -7.67 -16.55 -18.33
CA ILE A 230 -6.55 -16.40 -19.26
C ILE A 230 -5.23 -16.68 -18.55
N ALA A 231 -5.04 -16.11 -17.36
CA ALA A 231 -3.78 -16.31 -16.65
C ALA A 231 -3.52 -17.78 -16.36
N THR A 232 -4.53 -18.52 -15.89
CA THR A 232 -4.28 -19.93 -15.60
C THR A 232 -4.05 -20.72 -16.89
N SER A 233 -4.79 -20.38 -17.95
CA SER A 233 -4.59 -21.06 -19.23
C SER A 233 -3.18 -20.82 -19.76
N VAL A 234 -2.73 -19.55 -19.74
CA VAL A 234 -1.40 -19.26 -20.28
C VAL A 234 -0.32 -19.92 -19.41
N PHE A 235 -0.48 -19.87 -18.09
N PHE A 235 -0.49 -19.88 -18.09
CA PHE A 235 0.47 -20.52 -17.18
CA PHE A 235 0.48 -20.50 -17.19
C PHE A 235 0.57 -22.01 -17.51
C PHE A 235 0.57 -22.01 -17.47
N HIS A 236 -0.56 -22.66 -17.74
CA HIS A 236 -0.54 -24.08 -18.06
C HIS A 236 0.22 -24.37 -19.34
N GLU A 237 -0.03 -23.57 -20.38
CA GLU A 237 0.47 -23.84 -21.73
C GLU A 237 1.96 -23.56 -21.85
N THR A 238 2.50 -22.70 -20.99
CA THR A 238 3.83 -22.14 -21.16
C THR A 238 4.84 -22.95 -20.35
N GLU A 239 5.91 -23.38 -21.01
CA GLU A 239 7.12 -23.79 -20.30
C GLU A 239 7.78 -22.51 -19.84
N THR A 240 7.49 -22.09 -18.61
CA THR A 240 7.94 -20.77 -18.17
C THR A 240 9.45 -20.76 -17.97
N LEU A 241 10.04 -19.60 -18.27
CA LEU A 241 11.47 -19.40 -18.11
C LEU A 241 11.81 -18.44 -16.99
N SER A 242 10.80 -17.78 -16.40
CA SER A 242 10.90 -16.85 -15.29
C SER A 242 9.47 -16.36 -15.07
N ILE A 243 9.25 -15.70 -13.95
CA ILE A 243 7.97 -15.01 -13.80
C ILE A 243 7.85 -13.88 -14.81
N GLN A 244 8.94 -13.15 -15.03
CA GLN A 244 8.98 -12.11 -16.05
C GLN A 244 8.45 -12.61 -17.39
N HIS A 245 8.93 -13.77 -17.80
CA HIS A 245 8.54 -14.39 -19.07
C HIS A 245 7.06 -14.73 -19.09
N LEU A 246 6.57 -15.29 -17.99
CA LEU A 246 5.17 -15.67 -17.89
C LEU A 246 4.23 -14.47 -17.97
N ILE A 247 4.51 -13.42 -17.19
CA ILE A 247 3.53 -12.33 -17.14
C ILE A 247 3.50 -11.59 -18.48
N TYR A 248 4.61 -11.52 -19.22
CA TYR A 248 4.57 -10.94 -20.55
C TYR A 248 3.60 -11.70 -21.45
N LEU A 249 3.67 -13.04 -21.41
CA LEU A 249 2.82 -13.88 -22.26
C LEU A 249 1.37 -13.82 -21.81
N ILE A 250 1.12 -13.74 -20.51
CA ILE A 250 -0.26 -13.56 -20.06
C ILE A 250 -0.80 -12.24 -20.60
N GLY A 251 -0.01 -11.17 -20.49
CA GLY A 251 -0.44 -9.88 -21.00
C GLY A 251 -0.69 -9.88 -22.49
N ARG A 252 0.20 -10.51 -23.26
CA ARG A 252 -0.04 -10.64 -24.70
C ARG A 252 -1.36 -11.33 -24.99
N ARG A 253 -1.65 -12.42 -24.26
CA ARG A 253 -2.91 -13.14 -24.52
C ARG A 253 -4.11 -12.26 -24.19
N ILE A 254 -4.05 -11.54 -23.07
CA ILE A 254 -5.16 -10.65 -22.69
C ILE A 254 -5.41 -9.63 -23.79
N LEU A 255 -4.35 -8.98 -24.27
CA LEU A 255 -4.52 -7.93 -25.27
C LEU A 255 -5.04 -8.50 -26.59
N GLU A 256 -4.68 -9.73 -26.91
CA GLU A 256 -5.20 -10.39 -28.12
C GLU A 256 -6.68 -10.70 -27.97
N ARG A 257 -7.10 -11.17 -26.79
CA ARG A 257 -8.50 -11.54 -26.59
C ARG A 257 -9.38 -10.31 -26.51
N PHE A 258 -8.84 -9.20 -26.03
CA PHE A 258 -9.62 -7.99 -25.73
C PHE A 258 -8.99 -6.81 -26.44
N PRO A 259 -9.23 -6.66 -27.75
CA PRO A 259 -8.63 -5.55 -28.50
C PRO A 259 -9.08 -4.19 -28.03
N GLN A 260 -10.19 -4.10 -27.30
CA GLN A 260 -10.62 -2.82 -26.76
C GLN A 260 -9.75 -2.32 -25.62
N LEU A 261 -8.83 -3.14 -25.13
CA LEU A 261 -7.96 -2.75 -24.01
C LEU A 261 -6.71 -2.05 -24.53
N GLN A 262 -6.25 -1.03 -23.80
CA GLN A 262 -5.05 -0.31 -24.20
C GLN A 262 -3.80 -0.86 -23.53
N GLU A 263 -3.91 -1.35 -22.30
CA GLU A 263 -2.72 -1.86 -21.62
C GLU A 263 -3.15 -2.84 -20.55
N VAL A 264 -2.21 -3.70 -20.15
CA VAL A 264 -2.34 -4.58 -19.00
C VAL A 264 -1.09 -4.40 -18.15
N TYR A 265 -1.26 -4.32 -16.85
CA TYR A 265 -0.20 -4.06 -15.90
C TYR A 265 -0.18 -5.18 -14.89
N PHE A 266 1.02 -5.67 -14.58
CA PHE A 266 1.16 -6.76 -13.62
C PHE A 266 1.98 -6.37 -12.43
N GLU A 267 1.54 -6.86 -11.28
CA GLU A 267 2.34 -6.87 -10.06
C GLU A 267 2.39 -8.33 -9.61
N SER A 268 3.56 -8.95 -9.72
CA SER A 268 3.70 -10.36 -9.38
C SER A 268 4.67 -10.54 -8.21
N GLN A 269 4.46 -11.62 -7.45
CA GLN A 269 5.41 -12.03 -6.43
C GLN A 269 5.71 -13.51 -6.53
N ASN A 270 6.96 -13.85 -6.20
CA ASN A 270 7.42 -15.23 -6.17
C ASN A 270 7.34 -15.80 -4.76
N HIS A 271 6.65 -16.92 -4.62
CA HIS A 271 6.48 -17.60 -3.34
C HIS A 271 6.79 -19.09 -3.47
N THR A 272 7.66 -19.43 -4.42
CA THR A 272 7.97 -20.83 -4.69
C THR A 272 8.59 -21.49 -3.45
N TRP A 273 8.15 -22.72 -3.21
CA TRP A 273 8.57 -23.50 -2.06
C TRP A 273 10.02 -23.99 -2.23
N ASP A 274 10.67 -24.21 -1.10
CA ASP A 274 11.97 -24.89 -1.06
C ASP A 274 11.76 -26.40 -1.15
N LYS A 275 12.58 -27.08 -1.96
CA LYS A 275 12.49 -28.51 -2.13
C LYS A 275 13.28 -29.21 -1.02
N ILE A 276 12.65 -30.18 -0.38
CA ILE A 276 13.22 -30.89 0.76
C ILE A 276 13.60 -32.33 0.40
N VAL A 277 12.79 -32.99 -0.43
CA VAL A 277 13.02 -34.38 -0.84
C VAL A 277 12.96 -34.42 -2.36
N GLU A 278 14.08 -34.77 -2.98
CA GLU A 278 14.19 -34.70 -4.44
C GLU A 278 13.54 -35.88 -5.14
N GLU A 279 13.56 -37.05 -4.51
CA GLU A 279 13.20 -38.31 -5.13
C GLU A 279 12.45 -39.14 -4.12
N ILE A 280 11.33 -39.71 -4.55
CA ILE A 280 10.51 -40.60 -3.73
C ILE A 280 10.43 -41.95 -4.40
N PRO A 281 10.82 -43.05 -3.71
CA PRO A 281 10.79 -44.37 -4.35
C PRO A 281 9.52 -44.59 -5.14
N GLU A 282 9.67 -44.95 -6.41
CA GLU A 282 8.59 -45.39 -7.26
C GLU A 282 7.50 -44.33 -7.43
N SER A 283 7.89 -43.05 -7.41
CA SER A 283 6.92 -41.98 -7.59
C SER A 283 7.52 -40.83 -8.39
N GLU A 284 6.62 -40.08 -9.03
CA GLU A 284 6.92 -38.82 -9.68
C GLU A 284 7.17 -37.70 -8.67
N GLY A 285 6.72 -37.89 -7.43
CA GLY A 285 6.51 -36.80 -6.52
C GLY A 285 7.73 -36.39 -5.73
N LYS A 286 7.58 -35.28 -5.03
CA LYS A 286 8.62 -34.65 -4.23
C LYS A 286 7.95 -34.02 -3.02
N VAL A 287 8.75 -33.61 -2.03
CA VAL A 287 8.23 -32.90 -0.87
C VAL A 287 8.90 -31.54 -0.79
N TYR A 288 8.09 -30.51 -0.51
CA TYR A 288 8.57 -29.15 -0.42
C TYR A 288 8.07 -28.51 0.87
N THR A 289 8.62 -27.35 1.20
CA THR A 289 8.17 -26.61 2.39
C THR A 289 8.27 -25.10 2.17
N GLU A 290 7.76 -24.36 3.14
CA GLU A 290 7.68 -22.91 2.97
C GLU A 290 9.06 -22.29 3.06
N PRO A 291 9.34 -21.28 2.26
CA PRO A 291 10.64 -20.60 2.31
C PRO A 291 10.70 -19.60 3.47
N ARG A 292 11.87 -19.01 3.63
CA ARG A 292 12.03 -17.81 4.45
C ARG A 292 11.21 -16.65 3.87
N PRO A 293 11.00 -15.60 4.64
CA PRO A 293 10.03 -14.55 4.25
C PRO A 293 10.40 -13.77 2.99
N PRO A 294 11.68 -13.51 2.68
CA PRO A 294 11.94 -12.61 1.54
C PRO A 294 11.30 -13.13 0.27
N TYR A 295 10.62 -12.22 -0.47
CA TYR A 295 9.93 -12.63 -1.69
C TYR A 295 10.37 -11.78 -2.89
N GLY A 296 10.50 -12.44 -4.04
CA GLY A 296 10.72 -11.70 -5.27
C GLY A 296 9.44 -11.08 -5.80
N PHE A 297 9.60 -10.00 -6.56
CA PHE A 297 8.45 -9.39 -7.19
C PHE A 297 8.85 -8.75 -8.51
N GLN A 298 7.83 -8.58 -9.36
CA GLN A 298 7.97 -8.02 -10.70
C GLN A 298 6.80 -7.06 -10.95
N CYS A 299 7.08 -6.01 -11.72
CA CYS A 299 6.10 -5.01 -12.12
C CYS A 299 6.33 -4.75 -13.60
N PHE A 300 5.29 -4.87 -14.42
CA PHE A 300 5.51 -4.82 -15.86
C PHE A 300 4.21 -4.44 -16.56
N THR A 301 4.31 -3.58 -17.56
CA THR A 301 3.18 -3.17 -18.40
C THR A 301 3.33 -3.66 -19.82
N VAL A 302 2.27 -4.26 -20.34
CA VAL A 302 2.15 -4.65 -21.75
C VAL A 302 1.14 -3.71 -22.39
N THR A 303 1.48 -3.15 -23.54
CA THR A 303 0.59 -2.21 -24.22
C THR A 303 0.13 -2.77 -25.56
N GLN A 304 -1.09 -2.40 -25.94
CA GLN A 304 -1.76 -2.96 -27.11
C GLN A 304 -1.02 -2.59 -28.39
N VAL B 2 5.96 0.43 -17.46
CA VAL B 2 6.57 0.11 -16.20
C VAL B 2 7.37 -1.19 -16.35
N MET B 3 8.57 -1.21 -15.80
CA MET B 3 9.40 -2.41 -15.83
C MET B 3 10.40 -2.34 -14.68
N TYR B 4 10.13 -3.11 -13.63
CA TYR B 4 10.94 -3.15 -12.43
C TYR B 4 10.84 -4.57 -11.88
N TYR B 5 11.83 -4.99 -11.09
CA TYR B 5 11.70 -6.22 -10.30
C TYR B 5 12.62 -6.09 -9.10
N GLY B 6 12.38 -6.94 -8.10
CA GLY B 6 13.15 -6.80 -6.89
C GLY B 6 12.81 -7.84 -5.85
N LYS B 7 13.11 -7.48 -4.60
CA LYS B 7 12.97 -8.37 -3.45
C LYS B 7 12.37 -7.58 -2.30
N GLY B 8 11.35 -8.15 -1.65
CA GLY B 8 10.73 -7.56 -0.49
C GLY B 8 10.89 -8.44 0.74
N ASP B 9 10.61 -7.82 1.91
CA ASP B 9 10.72 -8.49 3.20
C ASP B 9 12.13 -9.06 3.44
N VAL B 10 13.13 -8.28 3.06
CA VAL B 10 14.52 -8.66 3.31
C VAL B 10 14.83 -8.20 4.74
N PHE B 11 14.52 -9.05 5.70
CA PHE B 11 14.80 -8.78 7.10
C PHE B 11 16.31 -8.92 7.34
N ALA B 12 16.87 -7.99 8.10
CA ALA B 12 18.28 -8.11 8.45
C ALA B 12 18.45 -7.51 9.83
N TYR B 13 19.10 -8.27 10.72
CA TYR B 13 19.34 -7.81 12.07
C TYR B 13 20.84 -7.78 12.33
N ARG B 14 21.34 -6.63 12.76
CA ARG B 14 22.76 -6.38 12.98
C ARG B 14 22.94 -6.09 14.45
N THR B 15 23.92 -6.73 15.09
CA THR B 15 24.26 -6.34 16.44
C THR B 15 25.47 -5.39 16.43
N TYR B 16 25.46 -4.43 17.38
CA TYR B 16 26.59 -3.55 17.61
C TYR B 16 26.96 -2.76 16.35
N LEU B 17 25.97 -2.08 15.78
CA LEU B 17 26.24 -1.01 14.84
C LEU B 17 26.82 0.17 15.61
N LYS B 18 27.59 1.00 14.92
CA LYS B 18 28.10 2.20 15.55
C LYS B 18 26.94 3.01 16.16
N PRO B 19 27.06 3.49 17.40
CA PRO B 19 25.95 4.26 17.98
C PRO B 19 25.76 5.63 17.34
N LEU B 20 24.51 6.10 17.39
CA LEU B 20 24.16 7.43 16.92
C LEU B 20 24.23 8.36 18.12
N THR B 21 25.11 9.35 18.07
CA THR B 21 25.22 10.34 19.15
C THR B 21 25.50 11.70 18.52
N GLY B 22 25.60 12.72 19.35
CA GLY B 22 25.86 14.04 18.83
C GLY B 22 24.71 14.69 18.15
N VAL B 23 23.49 14.23 18.44
CA VAL B 23 22.32 14.84 17.83
C VAL B 23 21.97 16.13 18.57
N ARG B 24 21.17 16.94 17.90
CA ARG B 24 20.70 18.23 18.40
C ARG B 24 19.30 18.06 18.97
N THR B 25 19.10 18.57 20.17
CA THR B 25 17.86 18.30 20.90
C THR B 25 16.79 19.35 20.62
N ILE B 26 15.55 18.99 20.95
CA ILE B 26 14.41 19.90 20.85
C ILE B 26 13.62 19.82 22.15
N PRO B 27 12.85 20.86 22.45
CA PRO B 27 12.11 20.89 23.74
C PRO B 27 11.14 19.74 23.89
N GLU B 28 10.51 19.29 22.81
CA GLU B 28 9.46 18.28 22.91
C GLU B 28 10.00 16.88 23.20
N SER B 29 11.31 16.66 23.10
CA SER B 29 11.85 15.32 23.12
C SER B 29 13.11 15.14 23.95
N PRO B 30 13.16 14.11 24.79
CA PRO B 30 14.44 13.74 25.44
C PRO B 30 15.42 13.01 24.53
N PHE B 31 15.05 12.68 23.30
CA PHE B 31 15.91 11.87 22.45
C PHE B 31 17.33 12.42 22.42
N SER B 32 18.29 11.53 22.61
CA SER B 32 19.70 11.95 22.61
C SER B 32 20.59 11.01 21.82
N GLY B 33 20.03 10.00 21.15
CA GLY B 33 20.83 9.09 20.36
C GLY B 33 20.25 7.69 20.40
N ARG B 34 20.99 6.76 19.81
CA ARG B 34 20.60 5.36 19.72
C ARG B 34 21.80 4.47 20.02
N ASP B 35 21.58 3.48 20.90
CA ASP B 35 22.70 2.62 21.32
C ASP B 35 23.16 1.65 20.23
N HIS B 36 22.23 1.15 19.44
CA HIS B 36 22.49 0.22 18.33
C HIS B 36 23.15 -1.10 18.77
N ILE B 37 22.86 -1.55 19.99
CA ILE B 37 23.18 -2.92 20.36
C ILE B 37 22.49 -3.88 19.39
N LEU B 38 21.25 -3.57 19.03
CA LEU B 38 20.45 -4.32 18.08
C LEU B 38 19.87 -3.34 17.08
N PHE B 39 20.09 -3.58 15.80
CA PHE B 39 19.67 -2.70 14.71
C PHE B 39 18.98 -3.60 13.69
N GLY B 40 17.65 -3.52 13.64
CA GLY B 40 16.86 -4.37 12.77
C GLY B 40 16.23 -3.52 11.63
N VAL B 41 16.26 -4.07 10.44
CA VAL B 41 15.71 -3.36 9.29
C VAL B 41 15.06 -4.37 8.36
N ASN B 42 13.91 -3.99 7.82
CA ASN B 42 13.23 -4.75 6.76
C ASN B 42 13.35 -3.93 5.48
N VAL B 43 14.03 -4.49 4.47
CA VAL B 43 14.38 -3.76 3.26
C VAL B 43 13.61 -4.31 2.06
N LYS B 44 13.16 -3.40 1.20
CA LYS B 44 12.61 -3.74 -0.10
C LYS B 44 13.47 -3.03 -1.16
N ILE B 45 13.87 -3.77 -2.19
CA ILE B 45 14.70 -3.27 -3.28
C ILE B 45 13.97 -3.47 -4.59
N SER B 46 13.93 -2.42 -5.42
CA SER B 46 13.39 -2.47 -6.78
C SER B 46 14.44 -1.95 -7.74
N VAL B 47 14.63 -2.63 -8.89
CA VAL B 47 15.61 -2.18 -9.86
C VAL B 47 15.00 -2.11 -11.24
N GLY B 48 15.54 -1.22 -12.09
CA GLY B 48 15.08 -1.09 -13.45
C GLY B 48 16.24 -0.80 -14.38
N GLY B 49 15.93 -0.81 -15.67
CA GLY B 49 16.89 -0.53 -16.72
C GLY B 49 16.40 -1.09 -18.03
N THR B 50 16.54 -0.34 -19.12
CA THR B 50 16.05 -0.81 -20.41
C THR B 50 16.70 -2.13 -20.83
N LYS B 51 17.90 -2.42 -20.33
CA LYS B 51 18.56 -3.67 -20.68
C LYS B 51 17.85 -4.90 -20.13
N LEU B 52 16.86 -4.72 -19.26
CA LEU B 52 16.11 -5.83 -18.70
C LEU B 52 14.95 -6.26 -19.58
N LEU B 53 14.68 -5.54 -20.68
CA LEU B 53 13.47 -5.80 -21.44
C LEU B 53 13.37 -7.26 -21.84
N THR B 54 14.46 -7.84 -22.38
CA THR B 54 14.34 -9.18 -22.93
C THR B 54 14.13 -10.25 -21.87
N SER B 55 14.43 -9.96 -20.60
CA SER B 55 14.09 -10.91 -19.56
C SER B 55 12.59 -11.12 -19.48
N PHE B 56 11.81 -10.09 -19.85
CA PHE B 56 10.36 -10.22 -19.98
C PHE B 56 9.95 -10.72 -21.36
N THR B 57 10.45 -10.10 -22.43
CA THR B 57 9.91 -10.41 -23.74
C THR B 57 10.44 -11.70 -24.33
N LYS B 58 11.61 -12.16 -23.91
CA LYS B 58 12.20 -13.32 -24.55
C LYS B 58 12.53 -14.44 -23.58
N GLY B 59 12.39 -14.23 -22.27
CA GLY B 59 12.79 -15.26 -21.34
C GLY B 59 14.29 -15.38 -21.21
N ASP B 60 15.02 -14.32 -21.57
CA ASP B 60 16.47 -14.31 -21.54
C ASP B 60 16.90 -13.80 -20.18
N ASN B 61 17.56 -14.65 -19.39
CA ASN B 61 17.96 -14.29 -18.04
C ASN B 61 19.42 -13.86 -17.95
N SER B 62 20.09 -13.63 -19.10
CA SER B 62 21.51 -13.31 -19.10
C SER B 62 21.84 -12.10 -18.23
N LEU B 63 20.98 -11.09 -18.21
CA LEU B 63 21.24 -9.89 -17.42
C LEU B 63 20.41 -9.83 -16.15
N VAL B 64 19.84 -10.95 -15.72
CA VAL B 64 19.00 -10.97 -14.51
C VAL B 64 19.89 -11.22 -13.30
N VAL B 65 19.97 -10.24 -12.41
CA VAL B 65 20.39 -10.48 -11.04
C VAL B 65 19.25 -11.19 -10.32
N ALA B 66 19.50 -12.40 -9.83
CA ALA B 66 18.43 -13.12 -9.14
C ALA B 66 17.95 -12.29 -7.95
N THR B 67 16.63 -12.25 -7.75
CA THR B 67 16.13 -11.53 -6.58
C THR B 67 16.71 -12.13 -5.30
N ASP B 68 16.95 -13.44 -5.29
CA ASP B 68 17.62 -14.07 -4.15
C ASP B 68 19.00 -13.48 -3.91
N SER B 69 19.74 -13.18 -4.99
CA SER B 69 21.05 -12.57 -4.86
C SER B 69 20.96 -11.16 -4.29
N MET B 70 19.89 -10.43 -4.63
CA MET B 70 19.70 -9.12 -4.02
C MET B 70 19.54 -9.24 -2.51
N LYS B 71 18.82 -10.25 -2.04
CA LYS B 71 18.72 -10.49 -0.61
C LYS B 71 20.09 -10.72 0.02
N ASN B 72 20.93 -11.56 -0.61
CA ASN B 72 22.29 -11.75 -0.13
C ASN B 72 23.05 -10.43 -0.10
N PHE B 73 22.93 -9.64 -1.17
CA PHE B 73 23.62 -8.36 -1.28
C PHE B 73 23.27 -7.47 -0.09
N ILE B 74 21.98 -7.33 0.18
CA ILE B 74 21.53 -6.46 1.25
C ILE B 74 22.07 -6.93 2.60
N GLN B 75 21.95 -8.23 2.86
CA GLN B 75 22.31 -8.75 4.17
C GLN B 75 23.82 -8.67 4.39
N LYS B 76 24.61 -8.95 3.36
CA LYS B 76 26.05 -8.82 3.49
C LYS B 76 26.47 -7.37 3.64
N HIS B 77 25.74 -6.45 3.00
CA HIS B 77 26.14 -5.05 3.18
C HIS B 77 25.77 -4.52 4.56
N LEU B 78 24.76 -5.08 5.23
CA LEU B 78 24.53 -4.63 6.60
C LEU B 78 25.71 -5.00 7.49
N ALA B 79 26.38 -6.10 7.20
CA ALA B 79 27.53 -6.50 8.00
C ALA B 79 28.71 -5.55 7.83
N SER B 80 28.91 -5.00 6.62
CA SER B 80 30.03 -4.13 6.33
C SER B 80 29.71 -2.65 6.52
N TYR B 81 28.46 -2.30 6.77
CA TYR B 81 28.08 -0.90 6.93
C TYR B 81 28.71 -0.31 8.19
N THR B 82 29.39 0.83 8.03
CA THR B 82 30.07 1.47 9.15
C THR B 82 29.37 2.75 9.62
N GLY B 83 28.18 3.04 9.13
CA GLY B 83 27.45 4.23 9.48
C GLY B 83 26.48 4.00 10.61
N THR B 84 25.54 4.93 10.77
CA THR B 84 24.70 4.97 11.95
C THR B 84 23.21 5.18 11.70
N THR B 85 22.71 5.17 10.46
CA THR B 85 21.29 5.39 10.23
C THR B 85 20.78 4.43 9.14
N ILE B 86 19.47 4.19 9.15
CA ILE B 86 18.87 3.44 8.03
C ILE B 86 19.03 4.24 6.75
N GLU B 87 18.86 5.56 6.81
CA GLU B 87 19.02 6.38 5.61
C GLU B 87 20.42 6.19 4.99
N GLY B 88 21.46 6.20 5.82
CA GLY B 88 22.81 5.98 5.33
C GLY B 88 23.04 4.56 4.83
N PHE B 89 22.43 3.58 5.48
CA PHE B 89 22.52 2.20 5.00
C PHE B 89 21.94 2.10 3.59
N LEU B 90 20.80 2.73 3.34
CA LEU B 90 20.21 2.63 2.01
C LEU B 90 21.13 3.23 0.96
N GLU B 91 21.77 4.36 1.27
CA GLU B 91 22.69 4.98 0.32
C GLU B 91 23.86 4.05 0.03
N TYR B 92 24.35 3.39 1.06
CA TYR B 92 25.47 2.44 0.91
C TYR B 92 25.10 1.27 0.01
N VAL B 93 23.94 0.67 0.26
CA VAL B 93 23.43 -0.43 -0.56
C VAL B 93 23.24 0.05 -1.99
N ALA B 94 22.62 1.21 -2.16
CA ALA B 94 22.28 1.67 -3.51
C ALA B 94 23.52 1.94 -4.33
N THR B 95 24.44 2.74 -3.77
CA THR B 95 25.68 3.04 -4.48
C THR B 95 26.44 1.77 -4.81
N SER B 96 26.48 0.86 -3.86
CA SER B 96 27.24 -0.37 -4.06
C SER B 96 26.63 -1.24 -5.15
N PHE B 97 25.30 -1.31 -5.18
CA PHE B 97 24.60 -2.16 -6.14
C PHE B 97 24.78 -1.61 -7.56
N LEU B 98 24.61 -0.29 -7.75
CA LEU B 98 24.80 0.26 -9.08
C LEU B 98 26.25 0.13 -9.55
N LYS B 99 27.21 0.28 -8.64
CA LYS B 99 28.61 0.05 -8.99
C LYS B 99 28.86 -1.39 -9.43
N LYS B 100 28.19 -2.35 -8.78
CA LYS B 100 28.40 -3.77 -9.10
C LYS B 100 27.75 -4.15 -10.42
N TYR B 101 26.57 -3.60 -10.69
CA TYR B 101 25.75 -4.05 -11.81
C TYR B 101 25.51 -2.91 -12.78
N SER B 102 26.38 -2.81 -13.77
CA SER B 102 26.47 -1.62 -14.61
C SER B 102 25.29 -1.49 -15.58
N HIS B 103 24.54 -2.56 -15.82
CA HIS B 103 23.39 -2.49 -16.72
C HIS B 103 22.10 -2.10 -16.02
N ILE B 104 22.12 -1.92 -14.70
CA ILE B 104 20.98 -1.43 -13.94
C ILE B 104 21.01 0.09 -13.97
N GLU B 105 19.90 0.71 -14.35
CA GLU B 105 19.83 2.16 -14.48
C GLU B 105 19.23 2.86 -13.27
N LYS B 106 18.43 2.17 -12.48
CA LYS B 106 17.70 2.80 -11.38
C LYS B 106 17.56 1.79 -10.26
N ILE B 107 17.65 2.25 -9.04
CA ILE B 107 17.35 1.44 -7.88
C ILE B 107 16.52 2.23 -6.89
N SER B 108 15.51 1.59 -6.32
CA SER B 108 14.67 2.15 -5.29
C SER B 108 14.73 1.26 -4.06
N LEU B 109 14.91 1.88 -2.89
CA LEU B 109 15.03 1.14 -1.64
C LEU B 109 14.04 1.70 -0.62
N ILE B 110 13.41 0.78 0.11
CA ILE B 110 12.68 1.12 1.32
C ILE B 110 13.32 0.38 2.47
N GLY B 111 13.59 1.08 3.57
CA GLY B 111 13.98 0.43 4.80
C GLY B 111 13.05 0.75 5.94
N GLU B 112 12.53 -0.27 6.60
CA GLU B 112 11.65 -0.06 7.74
C GLU B 112 12.30 -0.59 9.01
N GLU B 113 12.40 0.27 10.01
CA GLU B 113 12.92 -0.17 11.30
C GLU B 113 12.08 -1.31 11.87
N ILE B 114 12.78 -2.29 12.47
CA ILE B 114 12.19 -3.31 13.33
C ILE B 114 12.59 -2.92 14.74
N PRO B 115 11.72 -2.25 15.49
CA PRO B 115 12.13 -1.61 16.75
C PRO B 115 12.12 -2.57 17.93
N PHE B 116 13.11 -2.35 18.81
CA PHE B 116 13.27 -3.11 20.05
C PHE B 116 13.35 -2.13 21.21
N GLU B 117 12.69 -2.48 22.30
CA GLU B 117 12.68 -1.67 23.50
C GLU B 117 13.50 -2.30 24.62
N THR B 118 13.94 -1.44 25.53
CA THR B 118 14.75 -1.95 26.63
C THR B 118 13.88 -2.60 27.70
N THR B 119 14.54 -3.42 28.54
CA THR B 119 13.89 -4.16 29.60
C THR B 119 14.73 -4.05 30.86
N PHE B 120 14.10 -4.39 31.99
CA PHE B 120 14.75 -4.28 33.28
C PHE B 120 15.43 -5.59 33.67
N ALA B 121 16.58 -5.48 34.35
CA ALA B 121 17.16 -6.65 34.98
C ALA B 121 17.89 -6.26 36.27
N VAL B 122 17.84 -7.15 37.23
CA VAL B 122 18.58 -6.99 38.47
C VAL B 122 19.93 -7.67 38.32
N LYS B 123 21.01 -6.96 38.67
CA LYS B 123 22.32 -7.59 38.75
C LYS B 123 23.23 -6.74 39.63
N ASN B 124 24.11 -7.40 40.37
CA ASN B 124 25.11 -6.72 41.19
C ASN B 124 24.48 -5.73 42.18
N GLY B 125 23.24 -5.97 42.59
CA GLY B 125 22.63 -5.19 43.64
C GLY B 125 21.68 -4.10 43.18
N ASN B 126 21.60 -3.78 41.90
CA ASN B 126 20.65 -2.78 41.43
C ASN B 126 19.91 -3.30 40.19
N ARG B 127 18.73 -2.71 39.96
CA ARG B 127 17.94 -2.95 38.75
C ARG B 127 18.28 -1.86 37.75
N ALA B 128 18.50 -2.26 36.50
CA ALA B 128 18.87 -1.31 35.46
C ALA B 128 18.45 -1.88 34.12
N ALA B 129 18.49 -1.02 33.09
CA ALA B 129 18.20 -1.49 31.75
C ALA B 129 19.22 -2.56 31.34
N SER B 130 18.73 -3.61 30.70
CA SER B 130 19.61 -4.68 30.23
C SER B 130 20.39 -4.27 28.98
N GLU B 131 21.65 -4.70 28.91
CA GLU B 131 22.40 -4.53 27.68
C GLU B 131 22.26 -5.74 26.77
N LEU B 132 21.48 -6.74 27.16
CA LEU B 132 21.38 -8.01 26.45
C LEU B 132 19.98 -8.39 26.01
N VAL B 133 18.96 -8.10 26.83
CA VAL B 133 17.58 -8.55 26.59
C VAL B 133 16.76 -7.37 26.11
N PHE B 134 16.11 -7.52 24.96
CA PHE B 134 15.28 -6.47 24.38
C PHE B 134 13.92 -7.00 24.02
N LYS B 135 12.97 -6.08 23.92
CA LYS B 135 11.58 -6.41 23.70
C LYS B 135 11.17 -5.97 22.30
N LYS B 136 10.71 -6.92 21.50
CA LYS B 136 10.28 -6.61 20.14
C LYS B 136 9.01 -5.77 20.19
N SER B 137 9.03 -4.63 19.50
CA SER B 137 7.87 -3.76 19.48
C SER B 137 7.15 -3.79 18.13
N ARG B 138 5.80 -3.89 18.22
CA ARG B 138 4.93 -3.88 17.06
C ARG B 138 4.18 -2.56 16.99
N ASN B 139 4.69 -1.54 17.65
CA ASN B 139 4.10 -0.19 17.59
C ASN B 139 4.81 0.60 16.49
N GLU B 140 4.96 1.91 16.68
CA GLU B 140 5.46 2.76 15.60
C GLU B 140 6.92 2.44 15.28
N TYR B 141 7.31 2.79 14.07
CA TYR B 141 8.64 2.46 13.61
C TYR B 141 9.10 3.48 12.57
N ALA B 142 10.41 3.69 12.53
CA ALA B 142 11.02 4.59 11.56
C ALA B 142 11.10 3.96 10.19
N THR B 143 11.09 4.83 9.18
CA THR B 143 11.18 4.40 7.80
C THR B 143 12.16 5.29 7.03
N ALA B 144 12.63 4.75 5.91
CA ALA B 144 13.44 5.52 4.99
C ALA B 144 13.20 5.03 3.57
N TYR B 145 13.37 5.95 2.62
CA TYR B 145 13.16 5.71 1.21
C TYR B 145 14.26 6.41 0.43
N LEU B 146 14.82 5.74 -0.58
CA LEU B 146 15.84 6.32 -1.44
C LEU B 146 15.71 5.77 -2.86
N ASN B 147 15.82 6.65 -3.84
CA ASN B 147 15.91 6.30 -5.26
C ASN B 147 17.20 6.86 -5.82
N MET B 148 17.94 6.04 -6.58
CA MET B 148 19.22 6.43 -7.15
C MET B 148 19.26 5.97 -8.60
N VAL B 149 19.85 6.80 -9.45
CA VAL B 149 19.91 6.52 -10.88
C VAL B 149 21.36 6.58 -11.34
N ARG B 150 21.66 5.81 -12.37
CA ARG B 150 22.91 5.92 -13.12
C ARG B 150 22.69 6.80 -14.34
N ASN B 151 23.54 7.81 -14.49
CA ASN B 151 23.46 8.69 -15.64
C ASN B 151 24.26 8.17 -16.82
N GLU B 152 24.12 8.88 -17.94
CA GLU B 152 24.80 8.48 -19.17
C GLU B 152 26.31 8.38 -18.97
N ASP B 153 26.90 9.23 -18.12
CA ASP B 153 28.35 9.25 -17.91
C ASP B 153 28.81 8.35 -16.78
N ASN B 154 27.93 7.47 -16.31
CA ASN B 154 28.15 6.48 -15.25
C ASN B 154 28.27 7.09 -13.86
N THR B 155 27.98 8.38 -13.70
CA THR B 155 27.81 8.91 -12.36
C THR B 155 26.47 8.44 -11.78
N LEU B 156 26.41 8.44 -10.46
CA LEU B 156 25.23 8.03 -9.72
C LEU B 156 24.64 9.26 -9.03
N ASN B 157 23.32 9.36 -9.05
CA ASN B 157 22.63 10.46 -8.39
C ASN B 157 21.45 9.98 -7.59
N ILE B 158 21.30 10.51 -6.37
CA ILE B 158 20.06 10.37 -5.63
C ILE B 158 18.98 11.26 -6.28
N THR B 159 17.84 10.67 -6.61
CA THR B 159 16.75 11.41 -7.23
C THR B 159 15.57 11.64 -6.30
N GLU B 160 15.50 10.94 -5.18
CA GLU B 160 14.48 11.22 -4.18
C GLU B 160 14.88 10.53 -2.89
N GLN B 161 14.61 11.19 -1.77
CA GLN B 161 14.92 10.66 -0.45
C GLN B 161 13.78 11.08 0.47
N GLN B 162 13.32 10.17 1.32
CA GLN B 162 12.28 10.53 2.28
C GLN B 162 12.42 9.69 3.53
N SER B 163 12.27 10.32 4.68
CA SER B 163 12.29 9.59 5.95
C SER B 163 10.91 9.63 6.56
N GLY B 164 10.67 8.74 7.51
CA GLY B 164 9.34 8.69 8.08
C GLY B 164 9.22 8.00 9.42
N LEU B 165 8.01 8.09 9.94
CA LEU B 165 7.55 7.45 11.16
C LEU B 165 6.18 6.87 10.81
N ALA B 166 6.03 5.60 10.98
CA ALA B 166 4.81 4.90 10.60
C ALA B 166 4.20 4.24 11.82
N GLY B 167 2.88 4.11 11.80
CA GLY B 167 2.21 3.27 12.78
C GLY B 167 2.05 3.90 14.15
N LEU B 168 2.04 5.23 14.23
CA LEU B 168 1.81 5.90 15.49
C LEU B 168 0.30 5.98 15.72
N GLN B 169 -0.15 5.45 16.84
CA GLN B 169 -1.58 5.41 17.17
C GLN B 169 -1.79 6.16 18.47
N LEU B 170 -2.48 7.31 18.40
CA LEU B 170 -2.62 8.21 19.53
C LEU B 170 -4.11 8.47 19.79
N ILE B 171 -4.51 8.41 21.06
N ILE B 171 -4.50 8.34 21.05
CA ILE B 171 -5.87 8.77 21.49
CA ILE B 171 -5.80 8.82 21.49
C ILE B 171 -5.77 9.87 22.54
C ILE B 171 -5.59 10.00 22.42
N LYS B 172 -6.50 10.97 22.34
CA LYS B 172 -6.59 12.03 23.33
C LYS B 172 -7.99 12.01 23.94
N VAL B 173 -8.08 11.85 25.26
CA VAL B 173 -9.36 11.48 25.85
C VAL B 173 -10.37 12.65 25.87
N SER B 174 -9.90 13.88 25.83
CA SER B 174 -10.76 15.05 25.92
C SER B 174 -10.00 16.20 25.28
N GLY B 175 -10.70 17.33 25.08
CA GLY B 175 -10.02 18.45 24.47
C GLY B 175 -9.97 18.40 22.97
N ASN B 176 -11.02 17.86 22.35
CA ASN B 176 -11.15 17.75 20.90
C ASN B 176 -12.60 18.02 20.57
N SER B 177 -12.84 18.76 19.50
CA SER B 177 -14.22 18.97 19.05
C SER B 177 -14.29 18.68 17.55
N PHE B 178 -15.49 18.30 17.08
CA PHE B 178 -15.74 18.29 15.64
C PHE B 178 -17.15 18.83 15.48
N VAL B 179 -17.23 20.10 15.12
CA VAL B 179 -18.49 20.82 15.00
C VAL B 179 -18.43 21.71 13.77
N GLY B 180 -19.61 22.10 13.28
CA GLY B 180 -19.60 23.10 12.25
C GLY B 180 -19.40 22.60 10.84
N PHE B 181 -19.38 21.29 10.65
CA PHE B 181 -19.29 20.67 9.33
C PHE B 181 -20.65 20.70 8.62
N ILE B 182 -20.66 20.29 7.34
CA ILE B 182 -21.85 20.41 6.51
C ILE B 182 -22.93 19.46 7.00
N ARG B 183 -24.13 20.01 7.25
CA ARG B 183 -25.28 19.24 7.69
C ARG B 183 -26.32 19.28 6.56
N ASP B 184 -26.35 18.23 5.75
CA ASP B 184 -27.29 18.18 4.62
C ASP B 184 -27.94 16.80 4.60
N GLU B 185 -28.54 16.44 3.47
CA GLU B 185 -29.31 15.21 3.41
C GLU B 185 -28.44 13.96 3.53
N TYR B 186 -27.12 14.09 3.54
CA TYR B 186 -26.24 12.95 3.74
C TYR B 186 -25.64 12.89 5.14
N THR B 187 -26.01 13.80 6.04
CA THR B 187 -25.35 13.93 7.32
C THR B 187 -26.17 13.30 8.44
N THR B 188 -25.58 12.33 9.11
CA THR B 188 -26.14 11.77 10.34
C THR B 188 -25.19 11.89 11.52
N LEU B 189 -23.98 12.40 11.31
CA LEU B 189 -23.01 12.55 12.40
C LEU B 189 -23.41 13.71 13.30
N PRO B 190 -23.57 13.49 14.61
CA PRO B 190 -23.88 14.64 15.49
C PRO B 190 -22.63 15.49 15.71
N GLU B 191 -22.86 16.78 15.91
CA GLU B 191 -21.82 17.67 16.40
C GLU B 191 -21.34 17.17 17.76
N ASP B 192 -20.03 17.27 17.99
CA ASP B 192 -19.46 16.79 19.25
C ASP B 192 -18.44 17.80 19.76
N SER B 193 -18.71 18.39 20.91
CA SER B 193 -17.83 19.41 21.47
C SER B 193 -16.71 18.82 22.31
N ASN B 194 -16.72 17.51 22.57
CA ASN B 194 -15.69 16.92 23.40
C ASN B 194 -15.68 15.42 23.10
N ARG B 195 -14.88 15.05 22.10
CA ARG B 195 -14.73 13.66 21.68
C ARG B 195 -13.35 13.15 22.04
N PRO B 196 -13.20 11.81 22.19
CA PRO B 196 -11.87 11.19 22.42
C PRO B 196 -11.13 10.84 21.13
N LEU B 197 -10.61 11.86 20.45
CA LEU B 197 -10.05 11.66 19.12
C LEU B 197 -8.94 10.62 19.13
N PHE B 198 -9.06 9.64 18.23
N PHE B 198 -9.06 9.64 18.23
CA PHE B 198 -8.10 8.55 18.08
CA PHE B 198 -8.09 8.55 18.09
C PHE B 198 -7.59 8.60 16.65
C PHE B 198 -7.58 8.61 16.65
N VAL B 199 -6.31 8.92 16.47
CA VAL B 199 -5.73 9.03 15.14
C VAL B 199 -4.62 8.03 14.97
N TYR B 200 -4.54 7.46 13.78
CA TYR B 200 -3.33 6.78 13.31
C TYR B 200 -2.56 7.76 12.46
N LEU B 201 -1.25 7.84 12.66
CA LEU B 201 -0.45 8.81 11.94
C LEU B 201 0.75 8.13 11.28
N ASN B 202 0.99 8.50 10.02
N ASN B 202 0.93 8.38 9.98
CA ASN B 202 2.19 8.18 9.26
CA ASN B 202 2.21 8.18 9.30
C ASN B 202 2.78 9.52 8.83
C ASN B 202 2.72 9.57 8.96
N ILE B 203 3.96 9.85 9.32
CA ILE B 203 4.55 11.16 9.12
C ILE B 203 5.83 11.00 8.34
N LYS B 204 5.95 11.71 7.23
CA LYS B 204 7.14 11.59 6.38
C LYS B 204 7.76 12.96 6.16
N TRP B 205 9.09 13.03 6.18
CA TRP B 205 9.76 14.29 5.98
C TRP B 205 10.84 14.20 4.91
N LYS B 206 11.08 15.33 4.28
CA LYS B 206 12.09 15.46 3.25
C LYS B 206 13.04 16.58 3.63
N TYR B 207 14.32 16.31 3.45
CA TYR B 207 15.36 17.25 3.80
C TYR B 207 15.68 18.20 2.65
N LYS B 208 16.10 19.39 3.00
CA LYS B 208 16.64 20.31 2.01
C LYS B 208 17.91 19.77 1.38
N ASN B 209 18.79 19.16 2.16
CA ASN B 209 20.07 18.60 1.71
C ASN B 209 20.09 17.14 2.08
N THR B 210 20.16 16.26 1.06
CA THR B 210 20.10 14.83 1.35
C THR B 210 21.21 14.39 2.29
N GLU B 211 22.37 15.04 2.25
CA GLU B 211 23.47 14.66 3.14
C GLU B 211 23.02 14.65 4.58
N ASP B 212 22.10 15.52 4.95
CA ASP B 212 21.67 15.63 6.35
C ASP B 212 20.94 14.38 6.83
N SER B 213 20.41 13.57 5.90
CA SER B 213 19.68 12.35 6.26
C SER B 213 20.59 11.23 6.70
N PHE B 214 21.90 11.34 6.45
CA PHE B 214 22.75 10.15 6.54
C PHE B 214 23.30 9.93 7.95
N GLY B 215 23.38 10.99 8.76
CA GLY B 215 23.96 10.91 10.08
C GLY B 215 25.44 11.20 10.15
N THR B 216 26.09 11.52 9.02
CA THR B 216 27.53 11.73 9.04
C THR B 216 27.91 12.97 9.86
N ASN B 217 27.12 14.05 9.77
CA ASN B 217 27.12 15.18 10.70
C ASN B 217 25.82 15.06 11.50
N PRO B 218 25.83 14.36 12.65
CA PRO B 218 24.53 13.97 13.25
C PRO B 218 23.72 15.11 13.80
N GLU B 219 24.33 16.28 14.00
CA GLU B 219 23.58 17.42 14.49
C GLU B 219 22.52 17.87 13.50
N ASN B 220 22.60 17.42 12.24
CA ASN B 220 21.65 17.78 11.20
C ASN B 220 20.59 16.71 10.95
N TYR B 221 20.72 15.56 11.60
CA TYR B 221 19.76 14.47 11.46
C TYR B 221 18.46 14.78 12.19
N VAL B 222 17.34 14.37 11.57
CA VAL B 222 16.02 14.49 12.17
C VAL B 222 15.56 13.10 12.57
N ALA B 223 15.39 12.87 13.86
CA ALA B 223 15.10 11.53 14.32
C ALA B 223 13.61 11.27 14.43
N ALA B 224 13.18 10.08 13.99
CA ALA B 224 11.77 9.74 14.08
C ALA B 224 11.27 9.84 15.51
N GLU B 225 12.11 9.49 16.49
CA GLU B 225 11.74 9.64 17.90
C GLU B 225 11.33 11.07 18.23
N GLN B 226 12.09 12.04 17.76
CA GLN B 226 11.78 13.44 18.00
C GLN B 226 10.47 13.83 17.31
N ILE B 227 10.23 13.30 16.11
CA ILE B 227 9.01 13.59 15.39
C ILE B 227 7.81 13.05 16.15
N ARG B 228 7.93 11.83 16.69
CA ARG B 228 6.87 11.26 17.51
C ARG B 228 6.52 12.19 18.66
N ASP B 229 7.55 12.71 19.33
CA ASP B 229 7.33 13.47 20.54
C ASP B 229 6.73 14.83 20.21
N ILE B 230 7.07 15.41 19.05
CA ILE B 230 6.39 16.61 18.60
C ILE B 230 4.92 16.33 18.40
N ALA B 231 4.61 15.18 17.77
CA ALA B 231 3.22 14.87 17.49
C ALA B 231 2.42 14.77 18.78
N THR B 232 2.93 14.03 19.76
CA THR B 232 2.20 13.88 21.02
C THR B 232 2.11 15.21 21.75
N SER B 233 3.16 16.03 21.71
CA SER B 233 3.10 17.32 22.40
C SER B 233 2.06 18.21 21.76
N VAL B 234 2.08 18.33 20.43
CA VAL B 234 1.11 19.23 19.80
C VAL B 234 -0.31 18.73 20.00
N PHE B 235 -0.53 17.41 19.93
N PHE B 235 -0.52 17.41 19.95
CA PHE B 235 -1.86 16.86 20.20
CA PHE B 235 -1.84 16.85 20.21
C PHE B 235 -2.34 17.28 21.59
C PHE B 235 -2.34 17.25 21.59
N HIS B 236 -1.47 17.13 22.60
CA HIS B 236 -1.80 17.52 23.96
C HIS B 236 -2.13 19.01 24.05
N GLU B 237 -1.25 19.84 23.48
CA GLU B 237 -1.38 21.30 23.62
C GLU B 237 -2.63 21.87 22.95
N THR B 238 -3.14 21.20 21.91
CA THR B 238 -4.12 21.77 21.00
C THR B 238 -5.55 21.39 21.39
N GLU B 239 -6.44 22.37 21.49
CA GLU B 239 -7.86 22.06 21.49
C GLU B 239 -8.22 21.78 20.03
N THR B 240 -8.24 20.51 19.64
CA THR B 240 -8.34 20.19 18.23
C THR B 240 -9.76 20.50 17.73
N LEU B 241 -9.83 20.93 16.49
CA LEU B 241 -11.08 21.25 15.83
C LEU B 241 -11.44 20.24 14.75
N SER B 242 -10.51 19.34 14.44
CA SER B 242 -10.60 18.31 13.42
C SER B 242 -9.21 17.68 13.34
N ILE B 243 -9.10 16.54 12.69
CA ILE B 243 -7.79 15.97 12.42
C ILE B 243 -7.00 16.84 11.46
N GLN B 244 -7.66 17.36 10.43
CA GLN B 244 -7.04 18.31 9.51
C GLN B 244 -6.36 19.44 10.28
N HIS B 245 -7.08 20.05 11.22
CA HIS B 245 -6.54 21.12 12.07
C HIS B 245 -5.30 20.65 12.81
N LEU B 246 -5.40 19.47 13.43
CA LEU B 246 -4.28 18.93 14.22
C LEU B 246 -3.05 18.73 13.35
N ILE B 247 -3.20 18.07 12.20
CA ILE B 247 -1.98 17.67 11.50
C ILE B 247 -1.27 18.86 10.90
N TYR B 248 -1.99 19.90 10.50
CA TYR B 248 -1.32 21.11 10.07
C TYR B 248 -0.46 21.68 11.21
N LEU B 249 -1.01 21.73 12.43
CA LEU B 249 -0.26 22.25 13.56
C LEU B 249 0.97 21.39 13.87
N ILE B 250 0.84 20.05 13.78
CA ILE B 250 2.00 19.19 14.01
C ILE B 250 3.06 19.51 12.96
N GLY B 251 2.61 19.58 11.69
CA GLY B 251 3.57 19.86 10.62
C GLY B 251 4.27 21.20 10.79
N ARG B 252 3.55 22.25 11.18
CA ARG B 252 4.20 23.54 11.40
C ARG B 252 5.25 23.43 12.51
N ARG B 253 4.93 22.72 13.60
CA ARG B 253 5.89 22.61 14.69
C ARG B 253 7.15 21.87 14.24
N ILE B 254 6.98 20.81 13.46
CA ILE B 254 8.10 20.05 12.92
C ILE B 254 9.00 20.96 12.09
N LEU B 255 8.42 21.73 11.16
CA LEU B 255 9.23 22.59 10.31
C LEU B 255 9.88 23.71 11.10
N GLU B 256 9.23 24.19 12.17
CA GLU B 256 9.85 25.20 13.03
C GLU B 256 11.03 24.63 13.80
N ARG B 257 10.87 23.40 14.33
CA ARG B 257 11.95 22.78 15.11
C ARG B 257 13.12 22.35 14.24
N PHE B 258 12.86 22.00 12.99
CA PHE B 258 13.85 21.45 12.08
C PHE B 258 13.93 22.28 10.80
N PRO B 259 14.63 23.42 10.86
CA PRO B 259 14.70 24.28 9.66
C PRO B 259 15.42 23.64 8.48
N GLN B 260 16.13 22.53 8.69
CA GLN B 260 16.79 21.84 7.60
C GLN B 260 15.83 20.98 6.79
N LEU B 261 14.56 20.89 7.22
CA LEU B 261 13.56 20.14 6.47
C LEU B 261 12.88 21.05 5.44
N GLN B 262 12.59 20.46 4.27
CA GLN B 262 11.85 21.16 3.24
C GLN B 262 10.34 20.98 3.39
N GLU B 263 9.90 19.78 3.77
CA GLU B 263 8.47 19.56 3.90
C GLU B 263 8.20 18.33 4.74
N VAL B 264 6.96 18.23 5.19
CA VAL B 264 6.49 17.11 5.99
C VAL B 264 5.11 16.74 5.49
N TYR B 265 4.90 15.42 5.35
CA TYR B 265 3.71 14.86 4.75
C TYR B 265 3.03 13.94 5.76
N PHE B 266 1.71 14.04 5.84
CA PHE B 266 0.92 13.28 6.79
C PHE B 266 -0.06 12.37 6.08
N GLU B 267 -0.14 11.13 6.51
CA GLU B 267 -1.28 10.26 6.24
C GLU B 267 -1.91 9.95 7.59
N SER B 268 -3.11 10.45 7.83
CA SER B 268 -3.79 10.24 9.09
C SER B 268 -5.07 9.45 8.84
N GLN B 269 -5.49 8.68 9.85
CA GLN B 269 -6.78 8.00 9.85
C GLN B 269 -7.51 8.25 11.17
N ASN B 270 -8.83 8.36 11.09
CA ASN B 270 -9.69 8.57 12.23
C ASN B 270 -10.24 7.23 12.70
N HIS B 271 -9.94 6.85 13.95
CA HIS B 271 -10.44 5.62 14.56
C HIS B 271 -11.16 5.88 15.88
N THR B 272 -11.77 7.06 16.01
CA THR B 272 -12.44 7.46 17.24
C THR B 272 -13.58 6.51 17.62
N TRP B 273 -13.62 6.18 18.91
CA TRP B 273 -14.60 5.26 19.44
C TRP B 273 -16.00 5.86 19.51
N ASP B 274 -16.99 4.96 19.43
CA ASP B 274 -18.38 5.31 19.65
C ASP B 274 -18.69 5.37 21.15
N LYS B 275 -19.42 6.40 21.56
CA LYS B 275 -19.79 6.56 22.95
C LYS B 275 -20.99 5.70 23.29
N ILE B 276 -20.91 5.01 24.40
CA ILE B 276 -21.95 4.10 24.90
C ILE B 276 -22.59 4.66 26.15
N VAL B 277 -21.78 5.16 27.11
CA VAL B 277 -22.26 5.74 28.35
C VAL B 277 -21.69 7.15 28.46
N GLU B 278 -22.59 8.16 28.52
CA GLU B 278 -22.20 9.57 28.53
C GLU B 278 -21.93 10.12 29.94
N GLU B 279 -22.60 9.58 30.94
CA GLU B 279 -22.56 10.12 32.29
C GLU B 279 -22.40 8.95 33.25
N ILE B 280 -21.45 9.08 34.18
CA ILE B 280 -21.20 8.06 35.18
C ILE B 280 -21.35 8.74 36.54
N PRO B 281 -22.24 8.26 37.42
CA PRO B 281 -22.46 8.98 38.68
C PRO B 281 -21.18 9.15 39.47
N GLU B 282 -20.94 10.39 39.90
CA GLU B 282 -19.80 10.74 40.76
C GLU B 282 -18.47 10.50 40.04
N SER B 283 -18.44 10.78 38.74
CA SER B 283 -17.24 10.56 37.96
C SER B 283 -17.24 11.45 36.74
N GLU B 284 -16.05 11.79 36.27
CA GLU B 284 -15.88 12.38 34.96
C GLU B 284 -15.71 11.33 33.87
N GLY B 285 -15.80 10.03 34.19
CA GLY B 285 -15.53 9.00 33.21
C GLY B 285 -16.74 8.71 32.31
N LYS B 286 -16.45 8.01 31.22
CA LYS B 286 -17.44 7.57 30.22
C LYS B 286 -17.04 6.19 29.76
N VAL B 287 -17.92 5.52 29.01
CA VAL B 287 -17.54 4.27 28.35
C VAL B 287 -17.76 4.36 26.84
N TYR B 288 -16.80 3.84 26.09
CA TYR B 288 -16.80 3.87 24.64
C TYR B 288 -16.56 2.47 24.11
N THR B 289 -16.79 2.27 22.80
CA THR B 289 -16.48 1.00 22.17
C THR B 289 -16.02 1.21 20.73
N GLU B 290 -15.54 0.12 20.13
CA GLU B 290 -15.03 0.19 18.77
C GLU B 290 -16.14 0.56 17.78
N PRO B 291 -15.82 1.40 16.79
CA PRO B 291 -16.80 1.75 15.75
C PRO B 291 -16.91 0.65 14.69
N ARG B 292 -17.84 0.87 13.76
CA ARG B 292 -17.89 0.10 12.54
C ARG B 292 -16.62 0.35 11.72
N PRO B 293 -16.36 -0.46 10.69
CA PRO B 293 -15.03 -0.43 10.02
C PRO B 293 -14.71 0.87 9.27
N PRO B 294 -15.67 1.57 8.67
CA PRO B 294 -15.27 2.71 7.80
C PRO B 294 -14.46 3.75 8.56
N TYR B 295 -13.35 4.18 7.98
CA TYR B 295 -12.46 5.11 8.68
C TYR B 295 -12.20 6.35 7.83
N GLY B 296 -12.23 7.51 8.49
CA GLY B 296 -11.82 8.73 7.82
C GLY B 296 -10.32 8.79 7.66
N PHE B 297 -9.87 9.50 6.62
CA PHE B 297 -8.44 9.69 6.43
C PHE B 297 -8.15 11.03 5.80
N GLN B 298 -6.90 11.48 5.99
CA GLN B 298 -6.45 12.77 5.52
C GLN B 298 -5.05 12.58 4.97
N CYS B 299 -4.74 13.28 3.88
CA CYS B 299 -3.41 13.25 3.28
C CYS B 299 -2.99 14.70 3.06
N PHE B 300 -1.87 15.12 3.64
CA PHE B 300 -1.63 16.56 3.68
C PHE B 300 -0.16 16.88 3.84
N THR B 301 0.30 17.85 3.05
CA THR B 301 1.70 18.30 3.09
C THR B 301 1.80 19.73 3.64
N VAL B 302 2.76 19.94 4.53
CA VAL B 302 3.14 21.28 4.98
C VAL B 302 4.56 21.55 4.47
N THR B 303 4.77 22.69 3.83
CA THR B 303 6.11 23.02 3.33
C THR B 303 6.70 24.24 4.04
N GLN B 304 8.04 24.35 4.03
CA GLN B 304 8.63 25.53 4.64
C GLN B 304 8.11 26.81 4.01
N GLU B 305 7.83 26.78 2.71
CA GLU B 305 7.08 27.86 2.07
C GLU B 305 5.64 27.76 2.56
N1 AZA C . 12.56 -14.40 -11.55
C2 AZA C . 12.06 -15.62 -11.31
O2 AZA C . 11.16 -16.03 -12.01
N3 AZA C . 12.57 -16.36 -10.31
C4 AZA C . 13.58 -15.87 -9.55
C5 AZA C . 14.10 -14.64 -9.81
C6 AZA C . 13.54 -13.89 -10.83
O6 AZA C . 13.91 -12.79 -11.09
N7 AZA C . 15.09 -14.42 -8.90
N8 AZA C . 15.20 -15.49 -8.09
N9 AZA C . 14.26 -16.39 -8.51
HN1 AZA C . 12.22 -13.93 -12.21
HN3 AZA C . 12.27 -17.15 -10.15
HN9 AZA C . 14.14 -17.17 -8.16
O1 OXY D . 11.92 -14.22 -7.52
O2 OXY D . 11.42 -13.50 -8.18
S SO4 E . 19.21 -23.47 4.14
O1 SO4 E . 18.87 -22.23 3.43
O2 SO4 E . 18.65 -24.60 3.41
O3 SO4 E . 18.67 -23.54 5.50
O4 SO4 E . 20.66 -23.58 4.20
C1 EDO F . -22.95 -14.24 -5.55
O1 EDO F . -22.54 -12.89 -5.24
C2 EDO F . -24.39 -14.29 -6.07
O2 EDO F . -24.66 -13.21 -6.98
H11 EDO F . -22.29 -14.65 -6.30
H12 EDO F . -22.88 -14.85 -4.65
HO1 EDO F . -21.58 -12.89 -5.08
H21 EDO F . -24.55 -15.24 -6.58
H22 EDO F . -25.08 -14.23 -5.23
HO2 EDO F . -25.51 -13.36 -7.40
N1 AZA G . -12.38 15.27 10.26
C2 AZA G . -12.44 14.88 11.56
O2 AZA G . -11.57 15.24 12.34
N3 AZA G . -13.49 14.12 12.00
C4 AZA G . -14.44 13.76 11.14
C5 AZA G . -14.38 14.16 9.82
C6 AZA G . -13.32 14.93 9.39
O6 AZA G . -13.25 15.28 8.25
N7 AZA G . -15.45 13.66 9.17
N8 AZA G . -16.19 12.95 10.08
N9 AZA G . -15.55 13.02 11.27
HN1 AZA G . -11.71 15.74 10.00
HN3 AZA G . -13.52 13.88 12.82
HN9 AZA G . -15.81 12.66 12.00
O1 OXY H . -12.45 11.48 9.59
O2 OXY H . -11.73 12.32 9.85
C1 EDO I . 10.99 5.50 15.88
O1 EDO I . 12.32 4.96 15.76
C2 EDO I . 10.18 4.68 16.85
O2 EDO I . 10.71 4.92 18.17
H11 EDO I . 11.04 6.53 16.22
H12 EDO I . 10.51 5.49 14.89
HO1 EDO I . 12.83 5.51 15.15
H21 EDO I . 10.25 3.61 16.61
H22 EDO I . 9.13 4.97 16.80
HO2 EDO I . 10.32 4.29 18.80
C1 EDO J . 7.82 1.96 19.47
O1 EDO J . 7.54 0.91 18.57
C2 EDO J . 9.30 2.07 19.68
O2 EDO J . 9.73 0.80 20.22
H11 EDO J . 7.32 1.77 20.43
H12 EDO J . 7.44 2.90 19.07
HO1 EDO J . 6.68 1.07 18.15
H21 EDO J . 9.52 2.87 20.39
H22 EDO J . 9.81 2.28 18.74
HO2 EDO J . 10.69 0.81 20.33
C1 EDO K . 17.55 -1.79 20.95
O1 EDO K . 17.49 -2.11 19.55
C2 EDO K . 18.98 -1.75 21.46
O2 EDO K . 19.94 -1.12 20.59
H11 EDO K . 17.09 -0.82 21.11
H12 EDO K . 16.99 -2.53 21.50
HO1 EDO K . 16.59 -1.96 19.22
H21 EDO K . 19.30 -2.78 21.63
H22 EDO K . 18.98 -1.23 22.42
HO2 EDO K . 20.76 -0.96 21.09
C1 EDO L . 16.99 3.02 13.72
O1 EDO L . 15.74 3.72 13.46
C2 EDO L . 16.87 1.51 13.92
O2 EDO L . 16.46 1.10 15.24
H11 EDO L . 17.45 3.45 14.61
H12 EDO L . 17.66 3.20 12.88
HO1 EDO L . 15.91 4.67 13.42
H21 EDO L . 16.14 1.12 13.21
H22 EDO L . 17.84 1.06 13.70
HO2 EDO L . 16.46 0.13 15.29
#